data_9GCP
#
_entry.id   9GCP
#
_cell.length_a   58.515
_cell.length_b   80.279
_cell.length_c   244.276
_cell.angle_alpha   90.000
_cell.angle_beta   90.000
_cell.angle_gamma   90.000
#
_symmetry.space_group_name_H-M   'P 21 21 21'
#
loop_
_entity.id
_entity.type
_entity.pdbx_description
1 polymer '14-3-3 protein beta/alpha, N-terminally processed'
2 polymer 'Carbohydrate-responsive element-binding protein'
3 non-polymer 'ADENOSINE MONOPHOSPHATE'
#
loop_
_entity_poly.entity_id
_entity_poly.type
_entity_poly.pdbx_seq_one_letter_code
_entity_poly.pdbx_strand_id
1 'polypeptide(L)'
;MDKSELVQKAKLAEQAERYDDMAAAMKAVTEQGHELSNEERNLLSVAYKNVVGARRSSWRVISSIEQKTERNEKKQQMGK
EYREKIEAELQDICNDVLELLDKYLIPNATQPESKVFYLKMKGDYFRYLSEVASGDNKQTTVSNSQQAYQEAFEISKKEM
QPTHPIRLGLALNFSVFYYEILNSPEKACSLAKTAFDEAIAELDTLNEESYKDSTLIMQLLRDNLTLWTS
;
A,C,E,G
2 'polypeptide(L)' RDKIRLNNAIWRAWYIQYVQ B,D,F,H
#
loop_
_chem_comp.id
_chem_comp.type
_chem_comp.name
_chem_comp.formula
AMP non-polymer 'ADENOSINE MONOPHOSPHATE' 'C10 H14 N5 O7 P'
#
# COMPACT_ATOMS: atom_id res chain seq x y z
N MET A 1 23.39 20.84 -28.95
CA MET A 1 24.70 20.23 -29.01
C MET A 1 24.69 19.17 -30.09
N ASP A 2 24.92 17.94 -29.63
CA ASP A 2 24.86 16.73 -30.44
C ASP A 2 23.61 15.98 -30.02
N LYS A 3 22.95 15.31 -30.97
CA LYS A 3 21.70 14.61 -30.66
C LYS A 3 21.91 13.51 -29.64
N SER A 4 22.94 12.67 -29.84
CA SER A 4 23.15 11.53 -28.95
C SER A 4 23.39 11.98 -27.51
N GLU A 5 24.05 13.11 -27.31
CA GLU A 5 24.24 13.65 -25.96
C GLU A 5 22.92 14.04 -25.32
N LEU A 6 22.07 14.75 -26.08
CA LEU A 6 20.82 15.28 -25.55
C LEU A 6 19.88 14.17 -25.09
N VAL A 7 19.86 13.04 -25.80
CA VAL A 7 18.95 11.95 -25.41
C VAL A 7 19.42 11.33 -24.09
N GLN A 8 20.74 11.23 -23.88
CA GLN A 8 21.23 10.75 -22.59
C GLN A 8 20.84 11.71 -21.48
N LYS A 9 21.04 13.01 -21.71
CA LYS A 9 20.62 14.01 -20.72
C LYS A 9 19.12 13.88 -20.43
N ALA A 10 18.31 13.66 -21.46
CA ALA A 10 16.88 13.48 -21.27
C ALA A 10 16.60 12.24 -20.43
N LYS A 11 17.36 11.16 -20.66
CA LYS A 11 17.19 9.95 -19.88
C LYS A 11 17.60 10.15 -18.43
N LEU A 12 18.70 10.87 -18.18
CA LEU A 12 19.08 11.15 -16.81
C LEU A 12 18.04 12.04 -16.13
N ALA A 13 17.52 13.03 -16.85
CA ALA A 13 16.51 13.92 -16.27
C ALA A 13 15.28 13.15 -15.83
N GLU A 14 14.83 12.19 -16.64
CA GLU A 14 13.66 11.41 -16.26
C GLU A 14 13.92 10.59 -15.01
N GLN A 15 15.12 10.00 -14.89
CA GLN A 15 15.44 9.24 -13.68
C GLN A 15 15.44 10.14 -12.46
N ALA A 16 15.98 11.36 -12.59
CA ALA A 16 15.97 12.32 -11.49
C ALA A 16 14.62 13.00 -11.34
N GLU A 17 13.63 12.60 -12.13
CA GLU A 17 12.28 13.19 -12.12
C GLU A 17 12.33 14.71 -12.34
N ARG A 18 13.31 15.17 -13.10
CA ARG A 18 13.42 16.57 -13.49
C ARG A 18 12.90 16.66 -14.91
N TYR A 19 11.57 16.63 -15.03
CA TYR A 19 10.95 16.54 -16.35
C TYR A 19 11.01 17.85 -17.11
N ASP A 20 11.14 18.98 -16.42
CA ASP A 20 11.37 20.25 -17.13
C ASP A 20 12.69 20.21 -17.88
N ASP A 21 13.74 19.68 -17.26
CA ASP A 21 14.96 19.41 -18.00
C ASP A 21 14.73 18.42 -19.13
N MET A 22 13.89 17.41 -18.88
CA MET A 22 13.68 16.34 -19.85
C MET A 22 13.00 16.84 -21.11
N ALA A 23 12.00 17.72 -20.96
CA ALA A 23 11.36 18.30 -22.14
C ALA A 23 12.32 19.22 -22.87
N ALA A 24 13.16 19.94 -22.11
CA ALA A 24 14.11 20.85 -22.72
C ALA A 24 15.08 20.11 -23.62
N ALA A 25 15.65 19.00 -23.14
CA ALA A 25 16.54 18.20 -23.97
C ALA A 25 15.80 17.66 -25.20
N MET A 26 14.58 17.16 -25.00
CA MET A 26 13.85 16.60 -26.13
C MET A 26 13.32 17.67 -27.09
N LYS A 27 13.03 18.88 -26.59
CA LYS A 27 12.65 19.96 -27.49
C LYS A 27 13.81 20.34 -28.40
N ALA A 28 15.03 20.33 -27.85
CA ALA A 28 16.21 20.64 -28.65
C ALA A 28 16.47 19.58 -29.69
N VAL A 29 16.30 18.30 -29.33
CA VAL A 29 16.43 17.21 -30.29
C VAL A 29 15.43 17.39 -31.43
N THR A 30 14.18 17.71 -31.10
CA THR A 30 13.16 17.91 -32.12
C THR A 30 13.51 19.06 -33.05
N GLU A 31 14.04 20.15 -32.51
CA GLU A 31 14.35 21.35 -33.29
C GLU A 31 15.50 21.14 -34.27
N GLN A 32 16.19 20.01 -34.20
CA GLN A 32 17.26 19.71 -35.15
C GLN A 32 16.73 19.28 -36.51
N GLY A 33 15.42 19.17 -36.68
CA GLY A 33 14.83 18.95 -37.98
C GLY A 33 14.67 17.49 -38.37
N HIS A 34 15.54 16.62 -37.88
CA HIS A 34 15.49 15.21 -38.24
C HIS A 34 14.29 14.51 -37.58
N GLU A 35 13.81 13.46 -38.24
CA GLU A 35 12.71 12.67 -37.70
C GLU A 35 13.16 11.94 -36.44
N LEU A 36 12.36 12.06 -35.38
CA LEU A 36 12.67 11.38 -34.13
C LEU A 36 12.43 9.88 -34.30
N SER A 37 13.33 9.07 -33.75
CA SER A 37 13.09 7.64 -33.65
C SER A 37 11.95 7.37 -32.68
N ASN A 38 11.56 6.10 -32.55
CA ASN A 38 10.46 5.76 -31.66
C ASN A 38 10.81 6.00 -30.20
N GLU A 39 12.06 5.74 -29.82
CA GLU A 39 12.49 6.01 -28.45
C GLU A 39 12.53 7.50 -28.17
N GLU A 40 13.05 8.29 -29.11
CA GLU A 40 13.09 9.74 -28.95
C GLU A 40 11.69 10.32 -28.90
N ARG A 41 10.81 9.84 -29.78
CA ARG A 41 9.42 10.30 -29.76
C ARG A 41 8.76 9.96 -28.44
N ASN A 42 9.06 8.77 -27.90
CA ASN A 42 8.49 8.40 -26.60
C ASN A 42 9.09 9.27 -25.50
N LEU A 43 10.39 9.52 -25.55
CA LEU A 43 11.03 10.36 -24.54
C LEU A 43 10.44 11.77 -24.54
N LEU A 44 10.20 12.34 -25.72
CA LEU A 44 9.59 13.66 -25.81
C LEU A 44 8.17 13.67 -25.25
N SER A 45 7.40 12.64 -25.60
CA SER A 45 6.00 12.57 -25.19
C SER A 45 5.85 12.41 -23.69
N VAL A 46 6.68 11.56 -23.08
CA VAL A 46 6.59 11.36 -21.63
C VAL A 46 6.99 12.62 -20.89
N ALA A 47 8.00 13.33 -21.41
CA ALA A 47 8.46 14.54 -20.76
C ALA A 47 7.36 15.59 -20.70
N TYR A 48 6.74 15.91 -21.83
CA TYR A 48 5.78 17.00 -21.84
C TYR A 48 4.48 16.60 -21.15
N LYS A 49 4.14 15.31 -21.16
CA LYS A 49 2.97 14.85 -20.44
C LYS A 49 3.15 14.96 -18.93
N ASN A 50 4.38 14.79 -18.45
CA ASN A 50 4.68 15.06 -17.05
C ASN A 50 4.69 16.56 -16.77
N VAL A 51 5.21 17.35 -17.71
CA VAL A 51 5.35 18.79 -17.50
C VAL A 51 3.98 19.47 -17.53
N VAL A 52 3.20 19.21 -18.57
CA VAL A 52 1.84 19.74 -18.61
C VAL A 52 0.99 19.09 -17.51
N GLY A 53 1.28 17.84 -17.15
CA GLY A 53 0.48 17.16 -16.14
C GLY A 53 0.65 17.76 -14.76
N ALA A 54 1.85 18.23 -14.44
CA ALA A 54 2.08 18.85 -13.14
C ALA A 54 1.23 20.09 -12.97
N ARG A 55 1.09 20.89 -14.03
CA ARG A 55 0.28 22.09 -13.92
C ARG A 55 -1.21 21.78 -13.95
N ARG A 56 -1.60 20.73 -14.69
CA ARG A 56 -3.00 20.33 -14.68
C ARG A 56 -3.45 19.93 -13.28
N SER A 57 -2.65 19.14 -12.57
CA SER A 57 -3.02 18.75 -11.22
C SER A 57 -3.08 19.94 -10.28
N SER A 58 -2.08 20.83 -10.36
CA SER A 58 -2.08 22.04 -9.54
C SER A 58 -3.31 22.89 -9.85
N TRP A 59 -3.59 23.08 -11.14
CA TRP A 59 -4.80 23.79 -11.53
C TRP A 59 -6.03 23.11 -10.94
N ARG A 60 -6.07 21.78 -10.95
CA ARG A 60 -7.20 21.06 -10.40
C ARG A 60 -7.33 21.30 -8.89
N VAL A 61 -6.20 21.32 -8.17
CA VAL A 61 -6.27 21.55 -6.73
C VAL A 61 -6.80 22.95 -6.44
N ILE A 62 -6.25 23.97 -7.11
CA ILE A 62 -6.68 25.34 -6.85
C ILE A 62 -8.13 25.54 -7.26
N SER A 63 -8.55 24.91 -8.36
CA SER A 63 -9.96 25.00 -8.74
C SER A 63 -10.86 24.38 -7.68
N SER A 64 -10.43 23.24 -7.13
CA SER A 64 -11.21 22.60 -6.07
C SER A 64 -11.24 23.46 -4.81
N ILE A 65 -10.15 24.17 -4.50
CA ILE A 65 -10.15 25.06 -3.34
C ILE A 65 -11.15 26.20 -3.56
N GLU A 66 -11.17 26.75 -4.78
CA GLU A 66 -12.12 27.81 -5.11
C GLU A 66 -13.57 27.36 -4.87
N GLN A 67 -13.93 26.19 -5.40
CA GLN A 67 -15.36 25.79 -5.34
C GLN A 67 -15.70 25.27 -3.94
N LYS A 68 -14.83 25.52 -2.98
CA LYS A 68 -15.10 25.09 -1.59
C LYS A 68 -14.80 26.25 -0.64
N THR A 69 -14.73 27.47 -1.19
CA THR A 69 -14.43 28.66 -0.35
C THR A 69 -15.75 29.27 0.13
N GLU A 70 -16.44 28.59 1.04
CA GLU A 70 -17.66 29.21 1.65
C GLU A 70 -17.15 30.50 2.30
N ARG A 71 -16.21 30.40 3.24
CA ARG A 71 -15.57 31.61 3.72
C ARG A 71 -15.22 32.46 2.51
N ASN A 72 -16.13 33.34 2.10
CA ASN A 72 -15.91 34.17 0.92
C ASN A 72 -15.13 35.42 1.33
N GLU A 73 -13.82 35.23 1.49
CA GLU A 73 -12.92 36.28 1.90
C GLU A 73 -12.00 36.62 0.73
N LYS A 74 -10.84 37.22 1.04
CA LYS A 74 -9.86 37.54 0.00
C LYS A 74 -9.26 36.28 -0.61
N LYS A 75 -9.39 35.15 0.09
CA LYS A 75 -8.84 33.89 -0.41
C LYS A 75 -9.41 33.57 -1.79
N GLN A 76 -10.69 33.85 -2.01
CA GLN A 76 -11.29 33.61 -3.32
C GLN A 76 -10.58 34.38 -4.42
N GLN A 77 -10.32 35.67 -4.20
CA GLN A 77 -9.58 36.44 -5.20
C GLN A 77 -8.17 35.90 -5.40
N MET A 78 -7.48 35.56 -4.31
CA MET A 78 -6.13 35.04 -4.43
C MET A 78 -6.11 33.71 -5.17
N GLY A 79 -7.09 32.84 -4.89
CA GLY A 79 -7.21 31.60 -5.64
C GLY A 79 -7.41 31.85 -7.12
N LYS A 80 -8.23 32.85 -7.46
CA LYS A 80 -8.41 33.21 -8.86
C LYS A 80 -7.09 33.63 -9.50
N GLU A 81 -6.32 34.48 -8.81
CA GLU A 81 -5.07 34.96 -9.37
C GLU A 81 -4.07 33.83 -9.50
N TYR A 82 -4.03 32.92 -8.53
CA TYR A 82 -3.10 31.80 -8.59
C TYR A 82 -3.52 30.78 -9.66
N ARG A 83 -4.82 30.53 -9.78
CA ARG A 83 -5.28 29.65 -10.86
C ARG A 83 -4.90 30.22 -12.22
N GLU A 84 -5.08 31.53 -12.40
CA GLU A 84 -4.72 32.14 -13.68
C GLU A 84 -3.22 32.10 -13.94
N LYS A 85 -2.41 32.10 -12.88
CA LYS A 85 -0.99 31.90 -13.06
C LYS A 85 -0.70 30.50 -13.62
N ILE A 86 -1.29 29.48 -13.00
CA ILE A 86 -1.12 28.11 -13.49
C ILE A 86 -1.64 27.97 -14.90
N GLU A 87 -2.77 28.63 -15.21
CA GLU A 87 -3.34 28.57 -16.55
C GLU A 87 -2.39 29.16 -17.57
N ALA A 88 -1.72 30.25 -17.22
CA ALA A 88 -0.75 30.85 -18.14
C ALA A 88 0.41 29.89 -18.39
N GLU A 89 0.94 29.28 -17.33
CA GLU A 89 1.98 28.28 -17.51
C GLU A 89 1.49 27.14 -18.40
N LEU A 90 0.26 26.67 -18.15
CA LEU A 90 -0.31 25.62 -18.97
C LEU A 90 -0.36 26.00 -20.44
N GLN A 91 -0.77 27.24 -20.74
CA GLN A 91 -0.91 27.65 -22.12
C GLN A 91 0.44 27.73 -22.81
N ASP A 92 1.46 28.24 -22.11
CA ASP A 92 2.79 28.28 -22.70
C ASP A 92 3.32 26.90 -23.02
N ILE A 93 3.08 25.94 -22.11
CA ILE A 93 3.57 24.58 -22.33
C ILE A 93 2.89 23.96 -23.55
N CYS A 94 1.56 24.04 -23.60
CA CYS A 94 0.84 23.46 -24.74
C CYS A 94 1.28 24.13 -26.05
N ASN A 95 1.48 25.44 -26.00
CA ASN A 95 1.88 26.17 -27.20
C ASN A 95 3.29 25.77 -27.63
N ASP A 96 4.17 25.51 -26.67
CA ASP A 96 5.48 24.96 -27.02
C ASP A 96 5.33 23.63 -27.73
N VAL A 97 4.45 22.76 -27.22
CA VAL A 97 4.26 21.45 -27.82
C VAL A 97 3.63 21.58 -29.20
N LEU A 98 2.59 22.40 -29.32
CA LEU A 98 1.91 22.51 -30.61
C LEU A 98 2.81 23.15 -31.67
N GLU A 99 3.68 24.07 -31.26
CA GLU A 99 4.68 24.59 -32.19
C GLU A 99 5.61 23.48 -32.67
N LEU A 100 6.14 22.70 -31.74
CA LEU A 100 7.01 21.58 -32.11
C LEU A 100 6.29 20.63 -33.06
N LEU A 101 5.04 20.31 -32.74
CA LEU A 101 4.27 19.40 -33.58
C LEU A 101 4.09 19.97 -34.98
N ASP A 102 3.76 21.25 -35.08
CA ASP A 102 3.38 21.83 -36.35
C ASP A 102 4.56 22.38 -37.13
N LYS A 103 5.70 22.62 -36.49
CA LYS A 103 6.88 23.06 -37.21
C LYS A 103 7.80 21.90 -37.59
N TYR A 104 7.81 20.81 -36.80
CA TYR A 104 8.75 19.71 -37.04
C TYR A 104 8.08 18.33 -37.10
N LEU A 105 7.39 17.93 -36.04
CA LEU A 105 6.97 16.54 -35.89
C LEU A 105 5.96 16.12 -36.96
N ILE A 106 4.84 16.84 -37.07
CA ILE A 106 3.83 16.46 -38.06
C ILE A 106 4.36 16.52 -39.46
N PRO A 107 5.07 17.56 -39.92
CA PRO A 107 5.64 17.53 -41.27
C PRO A 107 6.76 16.51 -41.49
N ASN A 108 7.52 16.12 -40.48
CA ASN A 108 8.69 15.27 -40.73
C ASN A 108 8.38 13.82 -41.03
N ALA A 109 7.13 13.40 -41.12
CA ALA A 109 6.93 11.98 -41.34
C ALA A 109 5.64 11.73 -42.10
N THR A 110 5.74 10.83 -43.06
CA THR A 110 4.61 10.46 -43.90
C THR A 110 4.13 9.05 -43.60
N GLN A 111 4.74 8.35 -42.63
CA GLN A 111 4.11 7.08 -42.37
C GLN A 111 2.98 7.17 -41.36
N PRO A 112 1.95 6.35 -41.56
CA PRO A 112 0.68 6.52 -40.82
C PRO A 112 0.80 6.39 -39.32
N GLU A 113 1.82 5.69 -38.78
CA GLU A 113 1.92 5.64 -37.32
C GLU A 113 2.41 6.96 -36.78
N SER A 114 3.44 7.53 -37.40
CA SER A 114 3.92 8.83 -36.98
C SER A 114 2.84 9.88 -37.17
N LYS A 115 2.05 9.77 -38.25
CA LYS A 115 1.01 10.77 -38.50
C LYS A 115 -0.12 10.67 -37.48
N VAL A 116 -0.54 9.45 -37.16
CA VAL A 116 -1.57 9.29 -36.13
C VAL A 116 -1.02 9.67 -34.76
N PHE A 117 0.23 9.27 -34.49
CA PHE A 117 0.83 9.62 -33.20
C PHE A 117 0.86 11.12 -33.00
N TYR A 118 1.39 11.87 -33.97
CA TYR A 118 1.57 13.29 -33.78
C TYR A 118 0.26 14.06 -33.90
N LEU A 119 -0.68 13.56 -34.69
CA LEU A 119 -1.99 14.21 -34.75
C LEU A 119 -2.76 14.00 -33.45
N LYS A 120 -2.72 12.77 -32.91
CA LYS A 120 -3.31 12.55 -31.59
C LYS A 120 -2.63 13.42 -30.55
N MET A 121 -1.31 13.59 -30.66
CA MET A 121 -0.61 14.46 -29.74
C MET A 121 -1.13 15.88 -29.83
N LYS A 122 -1.33 16.37 -31.06
CA LYS A 122 -1.92 17.70 -31.23
C LYS A 122 -3.31 17.78 -30.63
N GLY A 123 -4.11 16.73 -30.78
CA GLY A 123 -5.42 16.74 -30.17
C GLY A 123 -5.35 16.79 -28.66
N ASP A 124 -4.38 16.08 -28.06
CA ASP A 124 -4.23 16.08 -26.60
C ASP A 124 -3.95 17.48 -26.08
N TYR A 125 -2.97 18.17 -26.67
CA TYR A 125 -2.56 19.45 -26.09
C TYR A 125 -3.55 20.56 -26.40
N PHE A 126 -4.26 20.48 -27.54
CA PHE A 126 -5.41 21.36 -27.73
C PHE A 126 -6.52 21.03 -26.76
N ARG A 127 -6.60 19.76 -26.34
CA ARG A 127 -7.58 19.39 -25.32
C ARG A 127 -7.20 19.99 -23.97
N TYR A 128 -5.91 19.99 -23.64
CA TYR A 128 -5.50 20.57 -22.36
C TYR A 128 -5.76 22.08 -22.33
N LEU A 129 -5.55 22.76 -23.45
CA LEU A 129 -5.87 24.18 -23.53
C LEU A 129 -7.36 24.41 -23.27
N SER A 130 -8.22 23.59 -23.87
CA SER A 130 -9.65 23.78 -23.71
C SER A 130 -10.12 23.52 -22.28
N GLU A 131 -9.36 22.76 -21.50
CA GLU A 131 -9.77 22.50 -20.11
C GLU A 131 -9.80 23.78 -19.28
N VAL A 132 -9.01 24.79 -19.67
CA VAL A 132 -8.94 26.04 -18.93
C VAL A 132 -9.27 27.25 -19.78
N ALA A 133 -9.45 27.08 -21.10
CA ALA A 133 -9.76 28.21 -21.95
C ALA A 133 -11.22 28.62 -21.77
N SER A 134 -11.53 29.84 -22.23
CA SER A 134 -12.89 30.36 -22.10
C SER A 134 -13.15 31.37 -23.21
N GLY A 135 -14.42 31.49 -23.58
CA GLY A 135 -14.81 32.50 -24.56
C GLY A 135 -14.37 32.17 -25.97
N ASP A 136 -13.99 33.21 -26.72
CA ASP A 136 -13.58 33.02 -28.11
C ASP A 136 -12.34 32.16 -28.25
N ASN A 137 -11.50 32.00 -27.21
CA ASN A 137 -10.32 31.11 -27.40
C ASN A 137 -10.70 29.62 -27.33
N LYS A 138 -11.67 29.26 -26.49
CA LYS A 138 -12.00 27.82 -26.29
C LYS A 138 -12.61 27.24 -27.55
N GLN A 139 -13.42 28.02 -28.28
CA GLN A 139 -14.10 27.44 -29.45
C GLN A 139 -13.03 27.18 -30.50
N THR A 140 -11.92 27.92 -30.46
CA THR A 140 -10.78 27.66 -31.37
C THR A 140 -10.04 26.42 -30.89
N THR A 141 -9.76 26.34 -29.59
CA THR A 141 -8.99 25.19 -29.05
C THR A 141 -9.77 23.90 -29.26
N VAL A 142 -11.06 23.90 -28.94
CA VAL A 142 -11.86 22.66 -29.01
C VAL A 142 -11.85 22.12 -30.43
N SER A 143 -12.47 22.84 -31.35
CA SER A 143 -12.57 22.31 -32.71
C SER A 143 -11.20 22.03 -33.32
N ASN A 144 -10.14 22.73 -32.87
CA ASN A 144 -8.80 22.37 -33.34
C ASN A 144 -8.40 21.00 -32.83
N SER A 145 -8.74 20.69 -31.58
CA SER A 145 -8.50 19.37 -31.02
C SER A 145 -9.28 18.32 -31.80
N GLN A 146 -10.59 18.54 -31.97
CA GLN A 146 -11.42 17.60 -32.70
C GLN A 146 -10.88 17.36 -34.11
N GLN A 147 -10.36 18.42 -34.75
CA GLN A 147 -9.85 18.28 -36.11
C GLN A 147 -8.57 17.44 -36.14
N ALA A 148 -7.66 17.65 -35.19
CA ALA A 148 -6.47 16.80 -35.11
C ALA A 148 -6.83 15.37 -34.74
N TYR A 149 -7.73 15.20 -33.77
CA TYR A 149 -8.19 13.85 -33.42
C TYR A 149 -8.87 13.20 -34.62
N GLN A 150 -9.72 13.94 -35.32
CA GLN A 150 -10.51 13.38 -36.42
C GLN A 150 -9.61 12.90 -37.55
N GLU A 151 -8.59 13.68 -37.91
CA GLU A 151 -7.70 13.25 -38.97
C GLU A 151 -6.93 12.01 -38.55
N ALA A 152 -6.38 12.02 -37.33
CA ALA A 152 -5.71 10.85 -36.81
C ALA A 152 -6.65 9.66 -36.75
N PHE A 153 -7.93 9.90 -36.49
CA PHE A 153 -8.90 8.82 -36.46
C PHE A 153 -9.06 8.19 -37.84
N GLU A 154 -9.13 9.01 -38.88
CA GLU A 154 -9.32 8.48 -40.23
C GLU A 154 -8.12 7.68 -40.70
N ILE A 155 -6.91 8.22 -40.51
CA ILE A 155 -5.71 7.50 -40.93
C ILE A 155 -5.61 6.17 -40.20
N SER A 156 -5.97 6.15 -38.92
CA SER A 156 -5.79 4.93 -38.13
C SER A 156 -6.69 3.81 -38.62
N LYS A 157 -7.96 4.11 -38.94
CA LYS A 157 -8.88 3.10 -39.43
C LYS A 157 -8.45 2.51 -40.78
N LYS A 158 -7.63 3.23 -41.54
CA LYS A 158 -7.29 2.82 -42.89
C LYS A 158 -5.95 2.12 -42.98
N GLU A 159 -5.08 2.26 -41.98
CA GLU A 159 -3.74 1.69 -42.06
C GLU A 159 -3.35 0.83 -40.87
N MET A 160 -4.09 0.86 -39.76
CA MET A 160 -3.74 0.10 -38.58
C MET A 160 -4.87 -0.83 -38.19
N GLN A 161 -4.50 -1.98 -37.64
CA GLN A 161 -5.53 -2.87 -37.10
C GLN A 161 -6.05 -2.33 -35.77
N PRO A 162 -7.27 -2.70 -35.38
CA PRO A 162 -7.84 -2.17 -34.15
C PRO A 162 -7.02 -2.47 -32.90
N THR A 163 -6.07 -3.39 -32.94
CA THR A 163 -5.27 -3.72 -31.77
C THR A 163 -3.96 -2.94 -31.73
N HIS A 164 -3.70 -2.09 -32.70
CA HIS A 164 -2.51 -1.26 -32.67
C HIS A 164 -2.56 -0.32 -31.46
N PRO A 165 -1.52 -0.28 -30.63
CA PRO A 165 -1.58 0.54 -29.40
C PRO A 165 -1.79 2.01 -29.67
N ILE A 166 -1.18 2.56 -30.74
CA ILE A 166 -1.39 3.96 -31.05
C ILE A 166 -2.84 4.20 -31.48
N ARG A 167 -3.39 3.29 -32.28
CA ARG A 167 -4.77 3.44 -32.70
C ARG A 167 -5.72 3.33 -31.50
N LEU A 168 -5.45 2.40 -30.59
CA LEU A 168 -6.27 2.26 -29.40
C LEU A 168 -6.16 3.49 -28.50
N GLY A 169 -4.92 3.93 -28.24
CA GLY A 169 -4.71 5.11 -27.41
C GLY A 169 -5.31 6.37 -27.98
N LEU A 170 -5.41 6.45 -29.31
CA LEU A 170 -6.13 7.57 -29.91
C LEU A 170 -7.62 7.49 -29.62
N ALA A 171 -8.20 6.30 -29.72
CA ALA A 171 -9.61 6.13 -29.40
C ALA A 171 -9.88 6.43 -27.93
N LEU A 172 -8.96 6.04 -27.05
CA LEU A 172 -9.11 6.34 -25.63
C LEU A 172 -9.17 7.84 -25.40
N ASN A 173 -8.23 8.58 -25.99
CA ASN A 173 -8.18 10.02 -25.75
C ASN A 173 -9.28 10.74 -26.49
N PHE A 174 -9.59 10.31 -27.72
CA PHE A 174 -10.68 10.94 -28.45
C PHE A 174 -12.01 10.73 -27.73
N SER A 175 -12.20 9.56 -27.14
CA SER A 175 -13.40 9.32 -26.33
C SER A 175 -13.41 10.21 -25.11
N VAL A 176 -12.25 10.41 -24.46
CA VAL A 176 -12.18 11.33 -23.33
C VAL A 176 -12.52 12.75 -23.78
N PHE A 177 -12.13 13.11 -25.01
CA PHE A 177 -12.44 14.42 -25.54
C PHE A 177 -13.95 14.66 -25.63
N TYR A 178 -14.70 13.64 -26.03
CA TYR A 178 -16.15 13.81 -26.13
C TYR A 178 -16.77 13.95 -24.74
N TYR A 179 -16.27 13.19 -23.76
CA TYR A 179 -16.85 13.23 -22.43
C TYR A 179 -16.52 14.53 -21.71
N GLU A 180 -15.24 14.89 -21.64
CA GLU A 180 -14.81 15.96 -20.75
C GLU A 180 -14.84 17.32 -21.42
N ILE A 181 -14.54 17.40 -22.70
CA ILE A 181 -14.49 18.68 -23.38
C ILE A 181 -15.82 19.02 -24.04
N LEU A 182 -16.36 18.09 -24.83
CA LEU A 182 -17.62 18.29 -25.55
C LEU A 182 -18.86 17.91 -24.75
N ASN A 183 -18.68 17.54 -23.48
CA ASN A 183 -19.79 17.17 -22.60
C ASN A 183 -20.78 16.27 -23.32
N SER A 184 -20.27 15.24 -23.98
CA SER A 184 -21.07 14.32 -24.77
C SER A 184 -20.80 12.91 -24.29
N PRO A 185 -21.46 12.47 -23.22
CA PRO A 185 -21.16 11.12 -22.72
C PRO A 185 -21.58 9.99 -23.67
N GLU A 186 -22.52 10.21 -24.62
CA GLU A 186 -23.10 9.05 -25.25
C GLU A 186 -22.07 8.57 -26.25
N LYS A 187 -21.46 9.55 -26.93
CA LYS A 187 -20.40 9.29 -27.90
C LYS A 187 -19.13 8.77 -27.22
N ALA A 188 -18.73 9.40 -26.11
CA ALA A 188 -17.58 8.90 -25.37
C ALA A 188 -17.73 7.42 -25.07
N CYS A 189 -18.89 7.02 -24.55
CA CYS A 189 -19.12 5.61 -24.27
C CYS A 189 -19.21 4.80 -25.56
N SER A 190 -19.84 5.36 -26.59
CA SER A 190 -19.96 4.67 -27.87
C SER A 190 -18.61 4.52 -28.54
N LEU A 191 -17.87 5.63 -28.67
CA LEU A 191 -16.56 5.58 -29.33
C LEU A 191 -15.62 4.60 -28.64
N ALA A 192 -15.60 4.61 -27.30
CA ALA A 192 -14.75 3.69 -26.56
C ALA A 192 -15.21 2.24 -26.75
N LYS A 193 -16.51 2.02 -26.79
CA LYS A 193 -17.03 0.66 -26.92
C LYS A 193 -16.67 0.05 -28.28
N THR A 194 -16.89 0.79 -29.37
CA THR A 194 -16.57 0.26 -30.70
C THR A 194 -15.08 -0.04 -30.83
N ALA A 195 -14.23 0.83 -30.30
CA ALA A 195 -12.79 0.62 -30.39
C ALA A 195 -12.36 -0.62 -29.64
N PHE A 196 -12.93 -0.85 -28.45
CA PHE A 196 -12.65 -2.09 -27.72
C PHE A 196 -13.18 -3.29 -28.48
N ASP A 197 -14.45 -3.24 -28.90
CA ASP A 197 -15.06 -4.38 -29.55
C ASP A 197 -14.36 -4.73 -30.86
N GLU A 198 -13.85 -3.72 -31.56
CA GLU A 198 -13.12 -3.99 -32.80
C GLU A 198 -11.81 -4.71 -32.50
N ALA A 199 -11.11 -4.28 -31.43
CA ALA A 199 -9.87 -4.94 -31.05
C ALA A 199 -10.12 -6.37 -30.58
N ILE A 200 -11.20 -6.59 -29.83
CA ILE A 200 -11.49 -7.93 -29.32
C ILE A 200 -11.84 -8.88 -30.46
N ALA A 201 -12.65 -8.41 -31.43
CA ALA A 201 -13.00 -9.20 -32.59
C ALA A 201 -11.79 -9.50 -33.47
N GLU A 202 -10.65 -8.88 -33.19
CA GLU A 202 -9.47 -8.96 -34.02
C GLU A 202 -8.26 -9.31 -33.17
N LEU A 203 -8.47 -10.12 -32.13
CA LEU A 203 -7.39 -10.45 -31.19
C LEU A 203 -6.22 -11.17 -31.85
N ASP A 204 -6.44 -11.82 -33.01
CA ASP A 204 -5.36 -12.53 -33.67
C ASP A 204 -4.33 -11.58 -34.25
N THR A 205 -4.68 -10.31 -34.43
CA THR A 205 -3.75 -9.30 -34.93
C THR A 205 -2.85 -8.78 -33.82
N LEU A 206 -2.92 -9.33 -32.61
CA LEU A 206 -1.97 -8.86 -31.57
C LEU A 206 -0.53 -9.14 -32.00
N ASN A 207 0.41 -8.26 -31.66
CA ASN A 207 1.83 -8.43 -32.08
C ASN A 207 2.73 -8.73 -30.90
N GLU A 208 3.83 -9.44 -31.14
CA GLU A 208 4.73 -9.86 -30.05
C GLU A 208 5.33 -8.65 -29.35
N GLU A 209 5.38 -7.52 -30.02
CA GLU A 209 6.08 -6.37 -29.41
C GLU A 209 5.10 -5.38 -28.82
N SER A 210 3.81 -5.72 -28.77
CA SER A 210 2.84 -4.70 -28.30
C SER A 210 1.62 -5.30 -27.62
N TYR A 211 1.54 -6.63 -27.47
CA TYR A 211 0.31 -7.18 -26.91
C TYR A 211 0.09 -6.66 -25.49
N LYS A 212 1.17 -6.51 -24.72
CA LYS A 212 1.04 -5.94 -23.38
C LYS A 212 0.48 -4.53 -23.45
N ASP A 213 0.94 -3.73 -24.43
CA ASP A 213 0.42 -2.38 -24.57
C ASP A 213 -0.99 -2.38 -25.14
N SER A 214 -1.26 -3.19 -26.17
CA SER A 214 -2.60 -3.22 -26.74
C SER A 214 -3.63 -3.56 -25.68
N THR A 215 -3.37 -4.63 -24.91
CA THR A 215 -4.33 -5.05 -23.89
C THR A 215 -4.43 -4.03 -22.77
N LEU A 216 -3.34 -3.35 -22.44
CA LEU A 216 -3.40 -2.35 -21.38
C LEU A 216 -4.35 -1.23 -21.77
N ILE A 217 -4.24 -0.73 -23.01
CA ILE A 217 -5.13 0.33 -23.46
C ILE A 217 -6.55 -0.19 -23.61
N MET A 218 -6.71 -1.46 -23.98
CA MET A 218 -8.04 -2.07 -23.97
C MET A 218 -8.65 -2.06 -22.58
N GLN A 219 -7.84 -2.38 -21.56
CA GLN A 219 -8.35 -2.39 -20.19
C GLN A 219 -8.71 -0.98 -19.73
N LEU A 220 -7.93 0.02 -20.15
CA LEU A 220 -8.22 1.39 -19.77
C LEU A 220 -9.49 1.88 -20.44
N LEU A 221 -9.67 1.54 -21.72
CA LEU A 221 -10.93 1.83 -22.41
C LEU A 221 -12.11 1.26 -21.63
N ARG A 222 -11.96 0.04 -21.12
CA ARG A 222 -13.01 -0.54 -20.31
C ARG A 222 -13.20 0.23 -19.01
N ASP A 223 -12.08 0.57 -18.34
CA ASP A 223 -12.15 1.30 -17.09
C ASP A 223 -12.90 2.61 -17.26
N ASN A 224 -12.56 3.38 -18.30
CA ASN A 224 -13.29 4.61 -18.57
C ASN A 224 -14.77 4.31 -18.80
N LEU A 225 -15.07 3.21 -19.50
CA LEU A 225 -16.45 2.89 -19.83
C LEU A 225 -17.29 2.60 -18.60
N THR A 226 -16.78 1.75 -17.69
CA THR A 226 -17.53 1.43 -16.49
C THR A 226 -17.63 2.63 -15.56
N LEU A 227 -16.53 3.39 -15.42
CA LEU A 227 -16.56 4.58 -14.57
C LEU A 227 -17.62 5.56 -15.02
N TRP A 228 -17.89 5.61 -16.33
CA TRP A 228 -18.85 6.55 -16.90
C TRP A 228 -20.28 6.01 -16.92
N THR A 229 -20.48 4.77 -16.48
CA THR A 229 -21.83 4.21 -16.36
C THR A 229 -22.05 3.69 -14.94
N ARG B 1 1.62 -1.60 -13.82
CA ARG B 1 0.52 -1.78 -14.77
C ARG B 1 -0.82 -1.61 -14.08
N ASP B 2 -1.02 -2.29 -12.95
CA ASP B 2 -2.21 -2.04 -12.16
C ASP B 2 -2.21 -0.65 -11.55
N LYS B 3 -1.02 -0.07 -11.33
CA LYS B 3 -0.95 1.34 -10.95
C LYS B 3 -1.39 2.26 -12.07
N ILE B 4 -0.98 1.96 -13.30
CA ILE B 4 -1.34 2.82 -14.43
C ILE B 4 -2.86 2.92 -14.54
N ARG B 5 -3.55 1.79 -14.33
CA ARG B 5 -5.02 1.80 -14.33
C ARG B 5 -5.57 2.61 -13.16
N LEU B 6 -4.90 2.56 -12.01
CA LEU B 6 -5.33 3.36 -10.87
C LEU B 6 -5.17 4.85 -11.14
N ASN B 7 -4.05 5.24 -11.75
CA ASN B 7 -3.83 6.65 -12.07
C ASN B 7 -4.88 7.16 -13.05
N ASN B 8 -5.16 6.38 -14.10
CA ASN B 8 -6.17 6.81 -15.05
C ASN B 8 -7.54 6.89 -14.41
N ALA B 9 -7.89 5.89 -13.60
CA ALA B 9 -9.21 5.86 -12.97
C ALA B 9 -9.41 7.04 -12.03
N ILE B 10 -8.36 7.40 -11.28
CA ILE B 10 -8.48 8.52 -10.34
C ILE B 10 -8.49 9.84 -11.10
N TRP B 11 -7.72 9.91 -12.19
CA TRP B 11 -7.71 11.12 -12.99
C TRP B 11 -9.03 11.34 -13.71
N ARG B 12 -9.61 10.27 -14.27
CA ARG B 12 -10.89 10.39 -14.96
C ARG B 12 -12.03 10.67 -13.99
N ALA B 13 -11.88 10.24 -12.73
CA ALA B 13 -12.95 10.41 -11.76
C ALA B 13 -13.12 11.86 -11.34
N TRP B 14 -12.05 12.63 -11.29
CA TRP B 14 -12.15 14.02 -10.78
C TRP B 14 -13.15 14.84 -11.61
N TYR B 15 -13.22 14.58 -12.91
CA TYR B 15 -14.09 15.42 -13.76
C TYR B 15 -15.54 15.19 -13.35
N ILE B 16 -15.94 13.95 -13.12
CA ILE B 16 -17.33 13.70 -12.64
C ILE B 16 -17.58 14.61 -11.44
N GLN B 17 -16.65 14.60 -10.48
CA GLN B 17 -16.80 15.45 -9.28
C GLN B 17 -17.06 16.90 -9.68
N TYR B 18 -16.12 17.54 -10.36
CA TYR B 18 -16.25 19.00 -10.65
C TYR B 18 -17.45 19.31 -11.54
N VAL B 19 -17.94 18.35 -12.32
CA VAL B 19 -19.05 18.62 -13.28
C VAL B 19 -20.39 18.47 -12.55
N GLN B 20 -20.41 17.72 -11.46
CA GLN B 20 -21.66 17.61 -10.72
C GLN B 20 -21.80 18.76 -9.73
N MET C 1 1.38 -30.44 28.77
CA MET C 1 1.25 -30.54 30.21
C MET C 1 1.86 -29.33 30.92
N ASP C 2 3.15 -29.10 30.70
CA ASP C 2 3.84 -28.00 31.36
C ASP C 2 3.47 -26.67 30.72
N LYS C 3 3.40 -25.63 31.55
CA LYS C 3 3.05 -24.31 31.03
C LYS C 3 4.06 -23.86 29.99
N SER C 4 5.35 -24.07 30.26
CA SER C 4 6.39 -23.56 29.38
C SER C 4 6.27 -24.12 27.97
N GLU C 5 5.93 -25.41 27.84
CA GLU C 5 5.67 -25.95 26.51
C GLU C 5 4.43 -25.31 25.90
N LEU C 6 3.33 -25.25 26.67
CA LEU C 6 2.08 -24.70 26.14
C LEU C 6 2.26 -23.26 25.71
N VAL C 7 3.02 -22.48 26.49
CA VAL C 7 3.24 -21.08 26.14
C VAL C 7 4.10 -20.98 24.88
N GLN C 8 5.11 -21.84 24.76
CA GLN C 8 5.91 -21.86 23.53
C GLN C 8 5.08 -22.29 22.33
N LYS C 9 4.25 -23.33 22.50
CA LYS C 9 3.36 -23.73 21.42
C LYS C 9 2.43 -22.59 21.01
N ALA C 10 1.90 -21.86 21.99
CA ALA C 10 1.01 -20.74 21.67
C ALA C 10 1.76 -19.65 20.89
N LYS C 11 3.02 -19.39 21.25
CA LYS C 11 3.78 -18.39 20.50
C LYS C 11 4.04 -18.84 19.08
N LEU C 12 4.37 -20.13 18.87
CA LEU C 12 4.55 -20.63 17.51
C LEU C 12 3.24 -20.59 16.74
N ALA C 13 2.13 -20.93 17.40
CA ALA C 13 0.83 -20.88 16.73
C ALA C 13 0.52 -19.47 16.24
N GLU C 14 0.82 -18.47 17.07
CA GLU C 14 0.58 -17.09 16.66
C GLU C 14 1.42 -16.73 15.46
N GLN C 15 2.67 -17.20 15.41
CA GLN C 15 3.51 -16.94 14.24
C GLN C 15 2.92 -17.58 13.00
N ALA C 16 2.40 -18.81 13.13
CA ALA C 16 1.75 -19.52 12.04
C ALA C 16 0.32 -19.08 11.79
N GLU C 17 -0.17 -18.04 12.47
CA GLU C 17 -1.54 -17.54 12.30
C GLU C 17 -2.57 -18.64 12.52
N ARG C 18 -2.26 -19.60 13.38
CA ARG C 18 -3.19 -20.66 13.75
C ARG C 18 -3.77 -20.33 15.11
N TYR C 19 -4.71 -19.37 15.11
CA TYR C 19 -5.21 -18.80 16.37
C TYR C 19 -6.14 -19.75 17.13
N ASP C 20 -6.77 -20.71 16.45
CA ASP C 20 -7.51 -21.73 17.18
C ASP C 20 -6.57 -22.57 18.03
N ASP C 21 -5.41 -22.96 17.48
CA ASP C 21 -4.39 -23.62 18.29
C ASP C 21 -3.92 -22.74 19.43
N MET C 22 -3.71 -21.45 19.16
CA MET C 22 -3.12 -20.59 20.18
C MET C 22 -4.08 -20.38 21.35
N ALA C 23 -5.38 -20.23 21.07
CA ALA C 23 -6.35 -20.13 22.15
C ALA C 23 -6.46 -21.44 22.92
N ALA C 24 -6.35 -22.57 22.21
CA ALA C 24 -6.40 -23.88 22.87
C ALA C 24 -5.26 -24.03 23.87
N ALA C 25 -4.04 -23.73 23.45
CA ALA C 25 -2.90 -23.82 24.34
C ALA C 25 -3.06 -22.88 25.54
N MET C 26 -3.54 -21.65 25.28
CA MET C 26 -3.70 -20.70 26.37
C MET C 26 -4.87 -21.06 27.27
N LYS C 27 -5.92 -21.71 26.73
CA LYS C 27 -6.98 -22.24 27.57
C LYS C 27 -6.44 -23.32 28.51
N ALA C 28 -5.50 -24.13 28.01
CA ALA C 28 -4.89 -25.15 28.85
C ALA C 28 -4.05 -24.54 29.96
N VAL C 29 -3.24 -23.52 29.63
CA VAL C 29 -2.46 -22.80 30.63
C VAL C 29 -3.40 -22.21 31.67
N THR C 30 -4.50 -21.58 31.22
CA THR C 30 -5.46 -21.01 32.16
C THR C 30 -6.04 -22.09 33.05
N GLU C 31 -6.34 -23.26 32.46
CA GLU C 31 -7.00 -24.35 33.18
C GLU C 31 -6.11 -25.01 34.23
N GLN C 32 -4.82 -24.70 34.27
CA GLN C 32 -3.95 -25.26 35.28
C GLN C 32 -4.14 -24.62 36.66
N GLY C 33 -5.05 -23.65 36.79
CA GLY C 33 -5.43 -23.10 38.08
C GLY C 33 -4.58 -21.94 38.54
N HIS C 34 -3.32 -21.88 38.13
CA HIS C 34 -2.44 -20.81 38.57
C HIS C 34 -2.84 -19.48 37.93
N GLU C 35 -2.55 -18.40 38.65
CA GLU C 35 -2.81 -17.06 38.14
C GLU C 35 -1.93 -16.78 36.93
N LEU C 36 -2.53 -16.25 35.87
CA LEU C 36 -1.78 -15.96 34.65
C LEU C 36 -0.86 -14.77 34.85
N SER C 37 0.37 -14.90 34.36
CA SER C 37 1.30 -13.77 34.30
C SER C 37 0.82 -12.75 33.26
N ASN C 38 1.54 -11.62 33.17
CA ASN C 38 1.16 -10.56 32.23
C ASN C 38 1.36 -11.01 30.79
N GLU C 39 2.40 -11.79 30.52
CA GLU C 39 2.64 -12.31 29.18
C GLU C 39 1.56 -13.31 28.80
N GLU C 40 1.25 -14.25 29.71
CA GLU C 40 0.22 -15.24 29.44
C GLU C 40 -1.14 -14.59 29.27
N ARG C 41 -1.44 -13.60 30.11
CA ARG C 41 -2.73 -12.93 30.02
C ARG C 41 -2.90 -12.26 28.65
N ASN C 42 -1.85 -11.65 28.13
CA ASN C 42 -1.97 -11.06 26.80
C ASN C 42 -2.07 -12.13 25.73
N LEU C 43 -1.27 -13.19 25.85
CA LEU C 43 -1.32 -14.27 24.87
C LEU C 43 -2.72 -14.87 24.79
N LEU C 44 -3.35 -15.09 25.94
CA LEU C 44 -4.72 -15.59 25.93
C LEU C 44 -5.68 -14.59 25.32
N SER C 45 -5.53 -13.31 25.70
CA SER C 45 -6.43 -12.27 25.22
C SER C 45 -6.29 -12.06 23.71
N VAL C 46 -5.06 -12.07 23.21
CA VAL C 46 -4.82 -11.91 21.78
C VAL C 46 -5.36 -13.11 21.02
N ALA C 47 -5.20 -14.31 21.60
CA ALA C 47 -5.64 -15.53 20.95
C ALA C 47 -7.14 -15.52 20.69
N TYR C 48 -7.93 -15.24 21.73
CA TYR C 48 -9.37 -15.36 21.58
C TYR C 48 -9.96 -14.21 20.78
N LYS C 49 -9.32 -13.04 20.81
CA LYS C 49 -9.78 -11.91 20.00
C LYS C 49 -9.62 -12.18 18.51
N ASN C 50 -8.58 -12.92 18.13
CA ASN C 50 -8.46 -13.37 16.75
C ASN C 50 -9.48 -14.45 16.44
N VAL C 51 -9.76 -15.34 17.41
CA VAL C 51 -10.69 -16.43 17.16
C VAL C 51 -12.11 -15.91 17.08
N VAL C 52 -12.54 -15.14 18.08
CA VAL C 52 -13.88 -14.58 18.04
C VAL C 52 -14.00 -13.56 16.92
N GLY C 53 -12.91 -12.82 16.65
CA GLY C 53 -12.98 -11.78 15.63
C GLY C 53 -13.18 -12.33 14.24
N ALA C 54 -12.61 -13.51 13.95
CA ALA C 54 -12.80 -14.14 12.65
C ALA C 54 -14.27 -14.44 12.40
N ARG C 55 -14.98 -14.88 13.43
CA ARG C 55 -16.40 -15.21 13.26
C ARG C 55 -17.24 -13.94 13.18
N ARG C 56 -16.89 -12.91 13.94
CA ARG C 56 -17.59 -11.63 13.81
C ARG C 56 -17.42 -11.07 12.40
N SER C 57 -16.21 -11.14 11.86
CA SER C 57 -15.96 -10.62 10.53
C SER C 57 -16.76 -11.39 9.48
N SER C 58 -16.76 -12.73 9.57
CA SER C 58 -17.58 -13.51 8.67
C SER C 58 -19.06 -13.17 8.84
N TRP C 59 -19.52 -13.09 10.09
CA TRP C 59 -20.91 -12.73 10.34
C TRP C 59 -21.27 -11.39 9.69
N ARG C 60 -20.40 -10.40 9.80
CA ARG C 60 -20.71 -9.09 9.24
C ARG C 60 -20.86 -9.19 7.73
N VAL C 61 -19.99 -9.98 7.08
CA VAL C 61 -20.07 -10.14 5.63
C VAL C 61 -21.38 -10.80 5.25
N ILE C 62 -21.75 -11.87 5.94
CA ILE C 62 -23.00 -12.56 5.62
C ILE C 62 -24.20 -11.66 5.84
N SER C 63 -24.21 -10.90 6.95
CA SER C 63 -25.32 -9.99 7.19
C SER C 63 -25.41 -8.93 6.11
N SER C 64 -24.26 -8.36 5.73
CA SER C 64 -24.25 -7.36 4.67
C SER C 64 -24.76 -7.93 3.36
N ILE C 65 -24.46 -9.21 3.08
CA ILE C 65 -24.99 -9.86 1.89
C ILE C 65 -26.51 -9.96 1.98
N GLU C 66 -27.01 -10.39 3.14
CA GLU C 66 -28.45 -10.48 3.36
C GLU C 66 -29.15 -9.15 3.11
N GLN C 67 -28.57 -8.05 3.58
CA GLN C 67 -29.19 -6.75 3.37
C GLN C 67 -29.24 -6.39 1.90
N LYS C 68 -28.21 -6.76 1.15
CA LYS C 68 -28.09 -6.35 -0.25
C LYS C 68 -28.87 -7.25 -1.20
N THR C 69 -28.95 -8.54 -0.93
CA THR C 69 -29.62 -9.46 -1.86
C THR C 69 -31.11 -9.12 -1.98
N GLU C 70 -31.52 -8.79 -3.21
CA GLU C 70 -32.93 -8.87 -3.54
C GLU C 70 -33.35 -10.33 -3.42
N ARG C 71 -34.42 -10.56 -2.64
CA ARG C 71 -34.81 -11.90 -2.21
C ARG C 71 -34.97 -12.89 -3.35
N ASN C 72 -33.95 -13.72 -3.60
CA ASN C 72 -34.08 -14.77 -4.60
C ASN C 72 -34.68 -16.01 -3.97
N GLU C 73 -35.81 -15.79 -3.29
CA GLU C 73 -36.54 -16.79 -2.53
C GLU C 73 -35.67 -17.57 -1.55
N LYS C 74 -35.18 -18.73 -1.98
CA LYS C 74 -34.38 -19.61 -1.13
C LYS C 74 -32.99 -19.03 -0.83
N LYS C 75 -32.48 -18.11 -1.67
CA LYS C 75 -31.17 -17.53 -1.44
C LYS C 75 -31.12 -16.74 -0.12
N GLN C 76 -32.13 -15.93 0.15
CA GLN C 76 -32.18 -15.22 1.43
C GLN C 76 -32.25 -16.20 2.58
N GLN C 77 -33.05 -17.26 2.44
CA GLN C 77 -33.09 -18.30 3.45
C GLN C 77 -31.69 -18.87 3.64
N MET C 78 -30.95 -19.03 2.55
CA MET C 78 -29.60 -19.60 2.66
C MET C 78 -28.68 -18.71 3.47
N GLY C 79 -28.73 -17.40 3.25
CA GLY C 79 -27.95 -16.50 4.06
C GLY C 79 -28.31 -16.63 5.53
N LYS C 80 -29.61 -16.73 5.81
CA LYS C 80 -30.08 -16.88 7.19
C LYS C 80 -29.47 -18.11 7.85
N GLU C 81 -29.48 -19.25 7.17
CA GLU C 81 -28.93 -20.46 7.77
C GLU C 81 -27.43 -20.35 7.99
N TYR C 82 -26.71 -19.73 7.05
CA TYR C 82 -25.27 -19.62 7.22
C TYR C 82 -24.91 -18.61 8.30
N ARG C 83 -25.63 -17.49 8.38
CA ARG C 83 -25.40 -16.55 9.46
C ARG C 83 -25.67 -17.20 10.81
N GLU C 84 -26.76 -17.96 10.91
CA GLU C 84 -27.06 -18.63 12.17
C GLU C 84 -26.01 -19.67 12.50
N LYS C 85 -25.39 -20.28 11.48
CA LYS C 85 -24.28 -21.19 11.72
C LYS C 85 -23.10 -20.45 12.31
N ILE C 86 -22.73 -19.30 11.73
CA ILE C 86 -21.65 -18.50 12.27
C ILE C 86 -21.99 -18.05 13.68
N GLU C 87 -23.26 -17.72 13.93
CA GLU C 87 -23.69 -17.27 15.25
C GLU C 87 -23.50 -18.34 16.31
N ALA C 88 -23.72 -19.61 15.95
CA ALA C 88 -23.49 -20.69 16.91
C ALA C 88 -22.03 -20.78 17.27
N GLU C 89 -21.14 -20.70 16.27
CA GLU C 89 -19.70 -20.65 16.56
C GLU C 89 -19.37 -19.45 17.44
N LEU C 90 -19.98 -18.30 17.15
CA LEU C 90 -19.78 -17.11 17.96
C LEU C 90 -20.16 -17.38 19.41
N GLN C 91 -21.31 -18.02 19.64
CA GLN C 91 -21.76 -18.25 21.00
C GLN C 91 -20.89 -19.27 21.72
N ASP C 92 -20.49 -20.35 21.03
CA ASP C 92 -19.60 -21.32 21.65
C ASP C 92 -18.26 -20.70 22.02
N ILE C 93 -17.72 -19.83 21.15
CA ILE C 93 -16.45 -19.18 21.46
C ILE C 93 -16.61 -18.26 22.66
N CYS C 94 -17.63 -17.41 22.64
CA CYS C 94 -17.82 -16.47 23.74
C CYS C 94 -18.06 -17.19 25.06
N ASN C 95 -18.84 -18.27 25.05
CA ASN C 95 -19.15 -18.95 26.29
C ASN C 95 -17.92 -19.62 26.89
N ASP C 96 -17.03 -20.16 26.05
CA ASP C 96 -15.75 -20.65 26.55
C ASP C 96 -14.97 -19.54 27.25
N VAL C 97 -14.93 -18.35 26.65
CA VAL C 97 -14.17 -17.25 27.25
C VAL C 97 -14.80 -16.83 28.56
N LEU C 98 -16.13 -16.71 28.59
CA LEU C 98 -16.81 -16.34 29.82
C LEU C 98 -16.70 -17.47 30.85
N GLU C 99 -16.59 -18.71 30.39
CA GLU C 99 -16.29 -19.83 31.28
C GLU C 99 -14.97 -19.58 32.00
N LEU C 100 -13.91 -19.36 31.21
CA LEU C 100 -12.57 -19.13 31.73
C LEU C 100 -12.55 -17.93 32.67
N LEU C 101 -13.24 -16.86 32.30
CA LEU C 101 -13.27 -15.67 33.16
C LEU C 101 -13.88 -16.00 34.51
N ASP C 102 -15.02 -16.68 34.53
CA ASP C 102 -15.77 -16.86 35.75
C ASP C 102 -15.34 -18.06 36.55
N LYS C 103 -14.59 -18.97 35.94
CA LYS C 103 -14.07 -20.15 36.62
C LYS C 103 -12.69 -19.92 37.20
N TYR C 104 -11.82 -19.20 36.48
CA TYR C 104 -10.41 -19.09 36.87
C TYR C 104 -9.94 -17.64 36.92
N LEU C 105 -10.02 -16.94 35.80
CA LEU C 105 -9.31 -15.66 35.65
C LEU C 105 -9.80 -14.61 36.64
N ILE C 106 -11.10 -14.31 36.61
CA ILE C 106 -11.63 -13.27 37.48
C ILE C 106 -11.51 -13.61 38.95
N PRO C 107 -11.90 -14.80 39.44
CA PRO C 107 -11.74 -15.06 40.87
C PRO C 107 -10.29 -15.14 41.31
N ASN C 108 -9.39 -15.61 40.46
CA ASN C 108 -7.98 -15.76 40.83
C ASN C 108 -7.18 -14.47 40.66
N ALA C 109 -7.79 -13.36 40.30
CA ALA C 109 -7.05 -12.13 40.09
C ALA C 109 -7.16 -11.29 41.35
N THR C 110 -6.01 -10.85 41.86
CA THR C 110 -5.95 -10.18 43.14
C THR C 110 -5.47 -8.73 43.09
N GLN C 111 -4.86 -8.35 42.10
CA GLN C 111 -4.36 -7.01 41.88
C GLN C 111 -5.27 -6.19 40.97
N PRO C 112 -5.26 -4.86 41.11
CA PRO C 112 -6.23 -4.03 40.37
C PRO C 112 -6.17 -4.05 38.85
N GLU C 113 -5.06 -4.38 38.18
CA GLU C 113 -5.24 -4.37 36.73
C GLU C 113 -5.84 -5.67 36.26
N SER C 114 -5.41 -6.74 36.88
CA SER C 114 -5.94 -8.03 36.55
C SER C 114 -7.46 -8.04 36.70
N LYS C 115 -7.99 -7.39 37.75
CA LYS C 115 -9.44 -7.38 37.91
C LYS C 115 -10.09 -6.50 36.84
N VAL C 116 -9.53 -5.32 36.61
CA VAL C 116 -10.07 -4.44 35.57
C VAL C 116 -9.86 -5.07 34.19
N PHE C 117 -8.70 -5.68 33.96
CA PHE C 117 -8.46 -6.34 32.68
C PHE C 117 -9.50 -7.43 32.44
N TYR C 118 -9.68 -8.31 33.41
CA TYR C 118 -10.55 -9.46 33.19
C TYR C 118 -12.03 -9.08 33.23
N LEU C 119 -12.40 -8.06 33.99
CA LEU C 119 -13.80 -7.62 33.99
C LEU C 119 -14.16 -6.98 32.67
N LYS C 120 -13.26 -6.14 32.13
CA LYS C 120 -13.47 -5.56 30.80
C LYS C 120 -13.56 -6.64 29.75
N MET C 121 -12.75 -7.69 29.88
CA MET C 121 -12.83 -8.81 28.97
C MET C 121 -14.21 -9.45 29.02
N LYS C 122 -14.74 -9.65 30.23
CA LYS C 122 -16.08 -10.20 30.38
C LYS C 122 -17.12 -9.32 29.71
N GLY C 123 -16.98 -8.00 29.84
CA GLY C 123 -17.88 -7.11 29.12
C GLY C 123 -17.74 -7.26 27.62
N ASP C 124 -16.50 -7.43 27.14
CA ASP C 124 -16.26 -7.56 25.71
C ASP C 124 -16.98 -8.77 25.13
N TYR C 125 -16.80 -9.92 25.77
CA TYR C 125 -17.35 -11.15 25.20
C TYR C 125 -18.85 -11.26 25.44
N PHE C 126 -19.35 -10.67 26.52
CA PHE C 126 -20.79 -10.50 26.63
C PHE C 126 -21.31 -9.50 25.61
N ARG C 127 -20.49 -8.51 25.24
CA ARG C 127 -20.90 -7.56 24.22
C ARG C 127 -20.98 -8.24 22.86
N TYR C 128 -20.01 -9.10 22.55
CA TYR C 128 -20.03 -9.81 21.27
C TYR C 128 -21.25 -10.73 21.17
N LEU C 129 -21.65 -11.33 22.28
CA LEU C 129 -22.90 -12.08 22.31
C LEU C 129 -24.08 -11.17 21.99
N SER C 130 -24.08 -9.96 22.55
CA SER C 130 -25.19 -9.03 22.34
C SER C 130 -25.29 -8.61 20.88
N GLU C 131 -24.20 -8.70 20.13
CA GLU C 131 -24.22 -8.34 18.72
C GLU C 131 -25.07 -9.29 17.87
N VAL C 132 -25.26 -10.53 18.30
CA VAL C 132 -25.99 -11.52 17.52
C VAL C 132 -27.15 -12.12 18.30
N ALA C 133 -27.26 -11.79 19.59
CA ALA C 133 -28.30 -12.40 20.41
C ALA C 133 -29.66 -11.79 20.09
N SER C 134 -30.71 -12.49 20.53
CA SER C 134 -32.08 -12.08 20.27
C SER C 134 -32.99 -12.59 21.37
N GLY C 135 -34.09 -11.87 21.60
CA GLY C 135 -35.10 -12.31 22.54
C GLY C 135 -34.67 -12.16 23.99
N ASP C 136 -35.07 -13.13 24.81
CA ASP C 136 -34.71 -13.09 26.22
C ASP C 136 -33.20 -13.15 26.42
N ASN C 137 -32.49 -13.79 25.50
CA ASN C 137 -31.05 -13.92 25.64
C ASN C 137 -30.34 -12.58 25.46
N LYS C 138 -30.83 -11.75 24.52
CA LYS C 138 -30.16 -10.47 24.29
C LYS C 138 -30.21 -9.60 25.54
N GLN C 139 -31.32 -9.62 26.27
CA GLN C 139 -31.41 -8.76 27.44
C GLN C 139 -30.47 -9.19 28.56
N THR C 140 -30.25 -10.50 28.73
CA THR C 140 -29.26 -10.98 29.70
C THR C 140 -27.84 -10.62 29.28
N THR C 141 -27.48 -10.87 28.04
CA THR C 141 -26.09 -10.59 27.61
C THR C 141 -25.83 -9.10 27.82
N VAL C 142 -26.77 -8.26 27.38
CA VAL C 142 -26.53 -6.79 27.43
C VAL C 142 -26.29 -6.36 28.88
N SER C 143 -27.01 -6.95 29.81
CA SER C 143 -26.86 -6.53 31.23
C SER C 143 -25.51 -6.99 31.77
N ASN C 144 -25.15 -8.25 31.54
CA ASN C 144 -23.88 -8.78 32.10
C ASN C 144 -22.72 -7.96 31.54
N SER C 145 -22.71 -7.65 30.24
CA SER C 145 -21.71 -6.78 29.65
C SER C 145 -21.66 -5.43 30.38
N GLN C 146 -22.81 -4.74 30.46
CA GLN C 146 -22.83 -3.44 31.14
C GLN C 146 -22.37 -3.57 32.58
N GLN C 147 -22.79 -4.64 33.27
CA GLN C 147 -22.41 -4.87 34.65
C GLN C 147 -20.94 -5.22 34.76
N ALA C 148 -20.43 -6.02 33.83
CA ALA C 148 -18.98 -6.30 33.82
C ALA C 148 -18.18 -5.05 33.52
N TYR C 149 -18.61 -4.28 32.50
CA TYR C 149 -17.94 -3.02 32.20
C TYR C 149 -18.01 -2.07 33.38
N GLN C 150 -19.19 -1.97 34.00
CA GLN C 150 -19.40 -1.01 35.08
C GLN C 150 -18.48 -1.30 36.27
N GLU C 151 -18.35 -2.57 36.65
CA GLU C 151 -17.48 -2.88 37.78
C GLU C 151 -16.02 -2.58 37.46
N ALA C 152 -15.57 -2.96 36.26
CA ALA C 152 -14.20 -2.64 35.85
C ALA C 152 -13.98 -1.12 35.83
N PHE C 153 -15.00 -0.35 35.45
CA PHE C 153 -14.85 1.11 35.44
C PHE C 153 -14.68 1.67 36.84
N GLU C 154 -15.46 1.15 37.80
CA GLU C 154 -15.41 1.66 39.16
C GLU C 154 -14.06 1.37 39.81
N ILE C 155 -13.56 0.14 39.66
CA ILE C 155 -12.24 -0.18 40.19
C ILE C 155 -11.18 0.66 39.52
N SER C 156 -11.31 0.87 38.20
CA SER C 156 -10.26 1.57 37.46
C SER C 156 -10.15 3.03 37.88
N LYS C 157 -11.28 3.72 38.04
CA LYS C 157 -11.25 5.10 38.48
C LYS C 157 -10.64 5.25 39.86
N LYS C 158 -10.63 4.16 40.63
CA LYS C 158 -10.21 4.17 42.03
C LYS C 158 -8.77 3.71 42.20
N GLU C 159 -8.19 3.03 41.19
CA GLU C 159 -6.88 2.44 41.33
C GLU C 159 -5.91 2.78 40.19
N MET C 160 -6.38 3.35 39.09
CA MET C 160 -5.52 3.58 37.94
C MET C 160 -5.45 5.05 37.57
N GLN C 161 -4.31 5.45 37.03
CA GLN C 161 -4.21 6.79 36.47
C GLN C 161 -5.03 6.87 35.20
N PRO C 162 -5.49 8.06 34.83
CA PRO C 162 -6.28 8.18 33.59
C PRO C 162 -5.52 7.79 32.34
N THR C 163 -4.20 7.73 32.39
CA THR C 163 -3.39 7.36 31.23
C THR C 163 -3.03 5.88 31.21
N HIS C 164 -3.45 5.13 32.23
CA HIS C 164 -3.19 3.69 32.24
C HIS C 164 -3.84 3.05 31.02
N PRO C 165 -3.08 2.25 30.25
CA PRO C 165 -3.64 1.68 29.00
C PRO C 165 -4.84 0.76 29.20
N ILE C 166 -4.88 -0.02 30.29
CA ILE C 166 -6.04 -0.87 30.55
C ILE C 166 -7.26 -0.01 30.86
N ARG C 167 -7.08 1.04 31.64
CA ARG C 167 -8.19 1.94 31.93
C ARG C 167 -8.68 2.63 30.66
N LEU C 168 -7.74 3.08 29.82
CA LEU C 168 -8.13 3.76 28.59
C LEU C 168 -8.86 2.81 27.66
N GLY C 169 -8.30 1.61 27.46
CA GLY C 169 -8.97 0.63 26.62
C GLY C 169 -10.33 0.22 27.14
N LEU C 170 -10.51 0.22 28.46
CA LEU C 170 -11.82 -0.06 29.03
C LEU C 170 -12.84 1.01 28.66
N ALA C 171 -12.45 2.28 28.77
CA ALA C 171 -13.36 3.35 28.39
C ALA C 171 -13.64 3.31 26.89
N LEU C 172 -12.64 2.96 26.08
CA LEU C 172 -12.86 2.88 24.64
C LEU C 172 -13.95 1.87 24.32
N ASN C 173 -13.89 0.68 24.93
CA ASN C 173 -14.89 -0.34 24.68
C ASN C 173 -16.20 -0.02 25.38
N PHE C 174 -16.13 0.57 26.58
CA PHE C 174 -17.35 0.94 27.29
C PHE C 174 -18.15 1.99 26.52
N SER C 175 -17.46 2.97 25.92
CA SER C 175 -18.16 3.92 25.07
C SER C 175 -18.72 3.22 23.83
N VAL C 176 -17.95 2.29 23.26
CA VAL C 176 -18.42 1.51 22.12
C VAL C 176 -19.64 0.69 22.49
N PHE C 177 -19.69 0.20 23.73
CA PHE C 177 -20.84 -0.55 24.20
C PHE C 177 -22.11 0.29 24.19
N TYR C 178 -22.02 1.56 24.61
CA TYR C 178 -23.20 2.40 24.61
C TYR C 178 -23.65 2.73 23.20
N TYR C 179 -22.70 2.96 22.29
CA TYR C 179 -23.06 3.35 20.93
C TYR C 179 -23.70 2.19 20.18
N GLU C 180 -23.05 1.04 20.17
CA GLU C 180 -23.45 -0.06 19.30
C GLU C 180 -24.45 -1.02 19.95
N ILE C 181 -24.34 -1.24 21.26
CA ILE C 181 -25.22 -2.21 21.92
C ILE C 181 -26.44 -1.55 22.54
N LEU C 182 -26.27 -0.51 23.36
CA LEU C 182 -27.39 0.19 23.97
C LEU C 182 -27.92 1.35 23.13
N ASN C 183 -27.48 1.48 21.87
CA ASN C 183 -27.92 2.54 20.96
C ASN C 183 -28.08 3.88 21.65
N SER C 184 -27.03 4.29 22.36
CA SER C 184 -26.99 5.53 23.10
C SER C 184 -25.76 6.28 22.61
N PRO C 185 -25.87 6.96 21.46
CA PRO C 185 -24.70 7.69 20.94
C PRO C 185 -24.27 8.84 21.81
N GLU C 186 -25.20 9.47 22.55
CA GLU C 186 -24.80 10.60 23.39
C GLU C 186 -23.94 10.11 24.54
N LYS C 187 -24.29 8.95 25.09
CA LYS C 187 -23.47 8.33 26.13
C LYS C 187 -22.11 7.94 25.59
N ALA C 188 -22.10 7.30 24.43
CA ALA C 188 -20.85 6.91 23.78
C ALA C 188 -19.89 8.08 23.65
N CYS C 189 -20.36 9.21 23.13
CA CYS C 189 -19.49 10.37 23.00
C CYS C 189 -19.16 10.97 24.36
N SER C 190 -20.12 10.96 25.29
CA SER C 190 -19.87 11.52 26.62
C SER C 190 -18.81 10.73 27.36
N LEU C 191 -18.97 9.40 27.43
CA LEU C 191 -17.99 8.56 28.09
C LEU C 191 -16.64 8.68 27.42
N ALA C 192 -16.61 8.80 26.11
CA ALA C 192 -15.28 8.83 25.47
C ALA C 192 -14.57 10.13 25.79
N LYS C 193 -15.22 11.27 25.59
CA LYS C 193 -14.50 12.54 25.79
C LYS C 193 -14.02 12.66 27.23
N THR C 194 -14.86 12.34 28.19
CA THR C 194 -14.48 12.54 29.60
C THR C 194 -13.19 11.77 29.85
N ALA C 195 -13.13 10.53 29.37
CA ALA C 195 -11.96 9.68 29.66
C ALA C 195 -10.76 10.22 28.90
N PHE C 196 -10.96 10.60 27.64
CA PHE C 196 -9.81 11.22 26.98
C PHE C 196 -9.33 12.45 27.75
N ASP C 197 -10.27 13.35 28.08
CA ASP C 197 -9.88 14.62 28.68
C ASP C 197 -9.16 14.42 30.00
N GLU C 198 -9.51 13.39 30.75
CA GLU C 198 -8.79 13.10 31.99
C GLU C 198 -7.36 12.66 31.69
N ALA C 199 -7.16 11.88 30.63
CA ALA C 199 -5.82 11.47 30.25
C ALA C 199 -5.01 12.67 29.76
N ILE C 200 -5.63 13.55 28.97
CA ILE C 200 -4.90 14.70 28.46
C ILE C 200 -4.49 15.61 29.61
N ALA C 201 -5.37 15.77 30.61
CA ALA C 201 -5.02 16.60 31.75
C ALA C 201 -3.86 16.05 32.57
N GLU C 202 -3.42 14.81 32.32
CA GLU C 202 -2.45 14.16 33.20
C GLU C 202 -1.30 13.55 32.43
N LEU C 203 -0.83 14.21 31.37
CA LEU C 203 0.27 13.63 30.59
C LEU C 203 1.52 13.37 31.42
N ASP C 204 1.65 14.01 32.58
CA ASP C 204 2.83 13.76 33.39
C ASP C 204 2.81 12.36 33.99
N THR C 205 1.64 11.73 34.02
CA THR C 205 1.54 10.36 34.51
C THR C 205 1.94 9.35 33.44
N LEU C 206 2.25 9.82 32.22
CA LEU C 206 2.74 8.90 31.19
C LEU C 206 4.03 8.27 31.65
N ASN C 207 4.09 6.96 31.46
CA ASN C 207 5.06 6.09 32.08
C ASN C 207 5.90 5.41 30.99
N GLU C 208 7.16 5.06 31.34
CA GLU C 208 8.08 4.60 30.31
C GLU C 208 7.58 3.31 29.67
N GLU C 209 6.92 2.45 30.45
CA GLU C 209 6.52 1.12 29.97
C GLU C 209 5.30 1.15 29.06
N SER C 210 4.50 2.21 29.10
CA SER C 210 3.18 2.16 28.48
C SER C 210 2.75 3.45 27.79
N TYR C 211 3.66 4.41 27.57
CA TYR C 211 3.26 5.65 26.92
C TYR C 211 2.82 5.42 25.47
N LYS C 212 3.50 4.54 24.75
CA LYS C 212 3.09 4.27 23.38
C LYS C 212 1.67 3.70 23.33
N ASP C 213 1.33 2.79 24.24
CA ASP C 213 -0.02 2.27 24.30
C ASP C 213 -1.00 3.31 24.82
N SER C 214 -0.60 4.07 25.83
CA SER C 214 -1.47 5.10 26.39
C SER C 214 -1.91 6.08 25.30
N THR C 215 -0.96 6.62 24.54
CA THR C 215 -1.31 7.61 23.52
C THR C 215 -2.10 6.97 22.39
N LEU C 216 -1.79 5.72 22.05
CA LEU C 216 -2.50 5.05 20.97
C LEU C 216 -3.97 4.90 21.31
N ILE C 217 -4.28 4.45 22.53
CA ILE C 217 -5.68 4.30 22.92
C ILE C 217 -6.32 5.67 23.07
N MET C 218 -5.56 6.66 23.55
CA MET C 218 -6.06 8.04 23.53
C MET C 218 -6.38 8.46 22.11
N GLN C 219 -5.53 8.08 21.16
CA GLN C 219 -5.79 8.35 19.75
C GLN C 219 -6.99 7.57 19.24
N LEU C 220 -7.30 6.41 19.83
CA LEU C 220 -8.42 5.64 19.23
C LEU C 220 -9.74 6.27 19.67
N LEU C 221 -9.81 6.80 20.88
CA LEU C 221 -11.04 7.46 21.38
C LEU C 221 -11.33 8.70 20.53
N ARG C 222 -10.28 9.43 20.16
CA ARG C 222 -10.46 10.61 19.30
C ARG C 222 -11.12 10.15 18.01
N ASP C 223 -10.54 9.12 17.42
CA ASP C 223 -11.09 8.58 16.16
C ASP C 223 -12.57 8.27 16.40
N ASN C 224 -12.87 7.49 17.43
CA ASN C 224 -14.29 7.14 17.63
C ASN C 224 -15.16 8.38 17.77
N LEU C 225 -14.65 9.40 18.45
CA LEU C 225 -15.42 10.63 18.65
C LEU C 225 -15.72 11.33 17.33
N THR C 226 -14.71 11.44 16.45
CA THR C 226 -14.97 12.08 15.16
C THR C 226 -15.94 11.26 14.32
N LEU C 227 -15.77 9.93 14.31
CA LEU C 227 -16.67 9.05 13.57
C LEU C 227 -18.10 9.21 14.03
N TRP C 228 -18.31 9.46 15.33
CA TRP C 228 -19.64 9.52 15.92
C TRP C 228 -20.28 10.91 15.88
N THR C 229 -19.57 11.93 15.40
CA THR C 229 -20.15 13.27 15.24
C THR C 229 -20.02 13.75 13.80
N ARG D 1 1.01 1.45 14.02
CA ARG D 1 -0.11 2.00 14.78
C ARG D 1 -1.13 2.68 13.88
N ASP D 2 -0.66 3.37 12.84
CA ASP D 2 -1.62 3.87 11.86
C ASP D 2 -2.36 2.73 11.18
N LYS D 3 -1.77 1.53 11.15
CA LYS D 3 -2.53 0.35 10.74
C LYS D 3 -3.62 0.03 11.75
N ILE D 4 -3.30 0.12 13.05
CA ILE D 4 -4.28 -0.19 14.09
C ILE D 4 -5.45 0.78 14.03
N ARG D 5 -5.16 2.08 13.82
CA ARG D 5 -6.23 3.07 13.71
C ARG D 5 -7.08 2.84 12.48
N LEU D 6 -6.45 2.42 11.37
CA LEU D 6 -7.21 2.13 10.18
C LEU D 6 -8.13 0.94 10.39
N ASN D 7 -7.63 -0.08 11.07
CA ASN D 7 -8.47 -1.23 11.41
C ASN D 7 -9.62 -0.82 12.31
N ASN D 8 -9.35 -0.01 13.34
CA ASN D 8 -10.41 0.40 14.26
C ASN D 8 -11.47 1.22 13.54
N ALA D 9 -11.05 2.14 12.67
CA ALA D 9 -12.01 2.97 11.97
C ALA D 9 -12.91 2.14 11.07
N ILE D 10 -12.34 1.12 10.41
CA ILE D 10 -13.14 0.33 9.49
C ILE D 10 -14.15 -0.50 10.24
N TRP D 11 -13.76 -1.01 11.40
CA TRP D 11 -14.67 -1.80 12.21
C TRP D 11 -15.78 -0.95 12.79
N ARG D 12 -15.43 0.24 13.31
CA ARG D 12 -16.44 1.12 13.89
C ARG D 12 -17.35 1.71 12.83
N ALA D 13 -16.84 1.86 11.60
CA ALA D 13 -17.64 2.45 10.53
C ALA D 13 -18.72 1.48 10.05
N TRP D 14 -18.43 0.18 10.06
CA TRP D 14 -19.37 -0.80 9.54
C TRP D 14 -20.71 -0.71 10.25
N TYR D 15 -20.71 -0.55 11.57
CA TYR D 15 -21.99 -0.57 12.31
C TYR D 15 -22.87 0.58 11.84
N ILE D 16 -22.30 1.77 11.79
CA ILE D 16 -23.10 2.96 11.41
C ILE D 16 -23.85 2.64 10.13
N GLN D 17 -23.13 2.18 9.10
CA GLN D 17 -23.75 1.93 7.79
C GLN D 17 -24.80 0.83 7.89
N TYR D 18 -24.44 -0.33 8.44
CA TYR D 18 -25.39 -1.46 8.49
C TYR D 18 -26.67 -1.00 9.18
N VAL D 19 -26.58 -0.06 10.13
CA VAL D 19 -27.80 0.50 10.77
C VAL D 19 -28.51 1.44 9.78
N MET E 1 -1.29 43.10 5.00
CA MET E 1 -1.85 43.09 3.64
C MET E 1 -1.06 42.17 2.74
N ASP E 2 0.14 42.61 2.37
CA ASP E 2 0.96 41.78 1.50
C ASP E 2 1.46 40.57 2.26
N LYS E 3 1.70 40.70 3.57
CA LYS E 3 2.11 39.54 4.35
C LYS E 3 1.00 38.50 4.36
N SER E 4 -0.23 38.92 4.67
CA SER E 4 -1.34 37.98 4.72
C SER E 4 -1.62 37.38 3.34
N GLU E 5 -1.49 38.18 2.28
CA GLU E 5 -1.61 37.64 0.94
C GLU E 5 -0.52 36.62 0.66
N LEU E 6 0.73 36.95 1.01
CA LEU E 6 1.84 36.04 0.75
C LEU E 6 1.66 34.72 1.51
N VAL E 7 1.14 34.79 2.74
CA VAL E 7 0.93 33.57 3.51
C VAL E 7 -0.17 32.72 2.88
N GLN E 8 -1.21 33.37 2.36
CA GLN E 8 -2.26 32.64 1.64
C GLN E 8 -1.71 32.01 0.36
N LYS E 9 -0.93 32.77 -0.41
CA LYS E 9 -0.30 32.21 -1.61
C LYS E 9 0.58 31.01 -1.24
N ALA E 10 1.33 31.13 -0.14
CA ALA E 10 2.14 30.01 0.32
C ALA E 10 1.27 28.81 0.67
N LYS E 11 0.10 29.06 1.27
CA LYS E 11 -0.83 27.97 1.58
C LYS E 11 -1.40 27.37 0.31
N LEU E 12 -1.78 28.20 -0.67
CA LEU E 12 -2.26 27.69 -1.93
C LEU E 12 -1.17 26.95 -2.70
N ALA E 13 0.05 27.49 -2.71
CA ALA E 13 1.14 26.83 -3.41
C ALA E 13 1.41 25.45 -2.83
N GLU E 14 1.40 25.33 -1.50
CA GLU E 14 1.63 24.04 -0.88
C GLU E 14 0.57 23.04 -1.28
N GLN E 15 -0.69 23.47 -1.36
CA GLN E 15 -1.75 22.59 -1.82
C GLN E 15 -1.51 22.16 -3.27
N ALA E 16 -1.11 23.11 -4.11
CA ALA E 16 -0.82 22.82 -5.51
C ALA E 16 0.53 22.14 -5.72
N GLU E 17 1.24 21.80 -4.63
CA GLU E 17 2.54 21.14 -4.68
C GLU E 17 3.55 21.93 -5.51
N ARG E 18 3.40 23.25 -5.51
CA ARG E 18 4.34 24.14 -6.18
C ARG E 18 5.22 24.76 -5.11
N TYR E 19 6.20 23.97 -4.63
CA TYR E 19 6.98 24.36 -3.47
C TYR E 19 7.96 25.48 -3.77
N ASP E 20 8.36 25.65 -5.03
CA ASP E 20 9.16 26.81 -5.40
C ASP E 20 8.34 28.09 -5.23
N ASP E 21 7.06 28.07 -5.63
CA ASP E 21 6.17 29.20 -5.33
C ASP E 21 6.07 29.41 -3.83
N MET E 22 5.97 28.32 -3.08
CA MET E 22 5.77 28.42 -1.64
C MET E 22 6.99 29.01 -0.95
N ALA E 23 8.18 28.62 -1.38
CA ALA E 23 9.40 29.18 -0.80
C ALA E 23 9.56 30.65 -1.18
N ALA E 24 9.19 31.01 -2.41
CA ALA E 24 9.31 32.39 -2.83
C ALA E 24 8.42 33.30 -2.00
N ALA E 25 7.17 32.90 -1.80
CA ALA E 25 6.27 33.71 -0.97
C ALA E 25 6.77 33.82 0.46
N MET E 26 7.21 32.70 1.04
CA MET E 26 7.69 32.73 2.43
C MET E 26 9.00 33.47 2.53
N LYS E 27 9.80 33.48 1.46
CA LYS E 27 11.01 34.29 1.45
C LYS E 27 10.67 35.77 1.54
N ALA E 28 9.61 36.19 0.84
CA ALA E 28 9.21 37.60 0.88
C ALA E 28 8.76 38.00 2.27
N VAL E 29 7.99 37.13 2.94
CA VAL E 29 7.58 37.38 4.32
C VAL E 29 8.80 37.57 5.21
N THR E 30 9.79 36.69 5.07
CA THR E 30 11.00 36.81 5.89
C THR E 30 11.72 38.12 5.63
N GLU E 31 11.82 38.52 4.35
CA GLU E 31 12.56 39.72 3.98
C GLU E 31 11.87 41.01 4.40
N GLN E 32 10.64 40.93 4.89
CA GLN E 32 9.95 42.11 5.41
C GLN E 32 10.44 42.51 6.80
N GLY E 33 11.41 41.80 7.37
CA GLY E 33 12.10 42.21 8.57
C GLY E 33 11.52 41.73 9.89
N HIS E 34 10.20 41.50 9.95
CA HIS E 34 9.57 41.09 11.19
C HIS E 34 9.93 39.66 11.55
N GLU E 35 9.92 39.37 12.86
CA GLU E 35 10.13 38.02 13.34
C GLU E 35 8.97 37.13 12.91
N LEU E 36 9.29 35.96 12.37
CA LEU E 36 8.26 35.08 11.86
C LEU E 36 7.43 34.48 13.01
N SER E 37 6.11 34.45 12.83
CA SER E 37 5.27 33.74 13.76
C SER E 37 5.52 32.23 13.63
N ASN E 38 4.88 31.46 14.50
CA ASN E 38 5.11 30.02 14.49
C ASN E 38 4.52 29.38 13.23
N GLU E 39 3.39 29.88 12.74
CA GLU E 39 2.87 29.37 11.48
C GLU E 39 3.77 29.77 10.31
N GLU E 40 4.20 31.04 10.28
CA GLU E 40 5.09 31.47 9.20
C GLU E 40 6.39 30.70 9.24
N ARG E 41 6.94 30.50 10.44
CA ARG E 41 8.19 29.77 10.56
C ARG E 41 8.07 28.36 10.01
N ASN E 42 6.93 27.72 10.27
CA ASN E 42 6.75 26.37 9.73
C ASN E 42 6.58 26.40 8.22
N LEU E 43 5.80 27.35 7.71
CA LEU E 43 5.59 27.42 6.27
C LEU E 43 6.92 27.58 5.54
N LEU E 44 7.79 28.46 6.04
CA LEU E 44 9.08 28.68 5.40
C LEU E 44 9.92 27.41 5.42
N SER E 45 9.94 26.72 6.57
CA SER E 45 10.76 25.52 6.72
C SER E 45 10.25 24.38 5.84
N VAL E 46 8.93 24.20 5.77
CA VAL E 46 8.37 23.14 4.93
C VAL E 46 8.63 23.43 3.46
N ALA E 47 8.51 24.71 3.06
CA ALA E 47 8.71 25.07 1.67
C ALA E 47 10.13 24.75 1.22
N TYR E 48 11.13 25.22 1.97
CA TYR E 48 12.50 25.05 1.52
C TYR E 48 12.98 23.61 1.70
N LYS E 49 12.42 22.87 2.66
CA LYS E 49 12.77 21.46 2.78
C LYS E 49 12.25 20.67 1.59
N ASN E 50 11.12 21.06 1.03
CA ASN E 50 10.66 20.45 -0.21
C ASN E 50 11.51 20.89 -1.40
N VAL E 51 11.91 22.17 -1.41
CA VAL E 51 12.65 22.69 -2.55
C VAL E 51 14.05 22.08 -2.60
N VAL E 52 14.77 22.13 -1.49
CA VAL E 52 16.10 21.53 -1.42
C VAL E 52 15.99 20.02 -1.50
N GLY E 53 14.91 19.43 -0.99
CA GLY E 53 14.80 17.98 -0.99
C GLY E 53 14.67 17.39 -2.38
N ALA E 54 13.99 18.10 -3.28
CA ALA E 54 13.85 17.61 -4.65
C ALA E 54 15.22 17.49 -5.32
N ARG E 55 16.10 18.46 -5.07
CA ARG E 55 17.43 18.42 -5.67
C ARG E 55 18.33 17.42 -4.97
N ARG E 56 18.19 17.26 -3.65
CA ARG E 56 18.90 16.20 -2.97
C ARG E 56 18.50 14.84 -3.50
N SER E 57 17.19 14.65 -3.70
CA SER E 57 16.68 13.39 -4.21
C SER E 57 17.18 13.13 -5.62
N SER E 58 17.11 14.15 -6.48
CA SER E 58 17.64 14.02 -7.84
C SER E 58 19.13 13.75 -7.83
N TRP E 59 19.87 14.47 -7.00
CA TRP E 59 21.30 14.22 -6.90
C TRP E 59 21.61 12.78 -6.52
N ARG E 60 20.86 12.23 -5.56
CA ARG E 60 21.13 10.87 -5.12
C ARG E 60 20.88 9.86 -6.23
N VAL E 61 19.82 10.07 -7.02
CA VAL E 61 19.51 9.16 -8.14
C VAL E 61 20.64 9.18 -9.16
N ILE E 62 21.10 10.37 -9.54
CA ILE E 62 22.18 10.48 -10.51
C ILE E 62 23.46 9.88 -9.95
N SER E 63 23.72 10.10 -8.65
CA SER E 63 24.94 9.57 -8.04
C SER E 63 24.99 8.05 -8.10
N SER E 64 23.87 7.39 -7.80
CA SER E 64 23.84 5.93 -7.91
C SER E 64 24.01 5.49 -9.36
N ILE E 65 23.43 6.24 -10.30
CA ILE E 65 23.58 5.92 -11.71
C ILE E 65 25.03 6.07 -12.15
N GLU E 66 25.69 7.15 -11.70
CA GLU E 66 27.09 7.38 -12.04
C GLU E 66 27.95 6.18 -11.66
N GLN E 67 27.79 5.70 -10.42
CA GLN E 67 28.56 4.58 -9.91
C GLN E 67 28.23 3.27 -10.61
N LYS E 68 27.00 3.10 -11.09
CA LYS E 68 26.63 1.77 -11.61
C LYS E 68 27.24 1.53 -12.99
N ASN E 72 30.75 3.04 -19.74
CA ASN E 72 30.53 3.88 -20.92
C ASN E 72 31.16 5.26 -20.65
N GLU E 73 32.40 5.45 -21.12
CA GLU E 73 33.11 6.71 -20.94
C GLU E 73 32.22 7.94 -21.14
N LYS E 74 31.53 8.02 -22.28
CA LYS E 74 30.70 9.21 -22.54
C LYS E 74 29.50 9.30 -21.61
N LYS E 75 28.95 8.16 -21.19
CA LYS E 75 27.82 8.20 -20.26
C LYS E 75 28.25 8.69 -18.89
N GLN E 76 29.37 8.19 -18.38
CA GLN E 76 29.87 8.65 -17.09
C GLN E 76 30.22 10.13 -17.13
N GLN E 77 30.83 10.59 -18.23
CA GLN E 77 31.09 12.02 -18.37
C GLN E 77 29.80 12.82 -18.29
N MET E 78 28.75 12.32 -18.97
CA MET E 78 27.46 13.01 -18.94
C MET E 78 26.82 12.99 -17.56
N GLY E 79 26.90 11.84 -16.86
CA GLY E 79 26.36 11.78 -15.52
C GLY E 79 26.97 12.81 -14.59
N LYS E 80 28.29 13.03 -14.71
CA LYS E 80 28.95 14.06 -13.92
C LYS E 80 28.35 15.43 -14.19
N GLU E 81 28.16 15.76 -15.47
CA GLU E 81 27.66 17.10 -15.82
C GLU E 81 26.24 17.32 -15.33
N TYR E 82 25.38 16.30 -15.41
CA TYR E 82 24.01 16.46 -14.93
C TYR E 82 24.01 16.53 -13.40
N ARG E 83 24.86 15.74 -12.75
CA ARG E 83 24.99 15.84 -11.30
C ARG E 83 25.51 17.20 -10.88
N GLU E 84 26.54 17.71 -11.57
CA GLU E 84 27.07 19.03 -11.24
C GLU E 84 26.07 20.14 -11.53
N LYS E 85 25.18 19.93 -12.51
CA LYS E 85 24.09 20.88 -12.71
C LYS E 85 23.17 20.91 -11.50
N ILE E 86 22.80 19.72 -11.00
CA ILE E 86 21.97 19.62 -9.81
C ILE E 86 22.70 20.20 -8.60
N GLU E 87 24.01 19.94 -8.50
CA GLU E 87 24.78 20.47 -7.39
C GLU E 87 24.78 22.00 -7.41
N ALA E 88 24.86 22.60 -8.60
CA ALA E 88 24.80 24.06 -8.67
C ALA E 88 23.45 24.56 -8.18
N GLU E 89 22.36 23.89 -8.58
CA GLU E 89 21.03 24.21 -8.07
C GLU E 89 20.99 24.05 -6.55
N LEU E 90 21.57 22.98 -6.03
CA LEU E 90 21.60 22.76 -4.59
C LEU E 90 22.23 23.94 -3.87
N GLN E 91 23.36 24.43 -4.38
CA GLN E 91 24.07 25.51 -3.71
C GLN E 91 23.29 26.81 -3.75
N ASP E 92 22.63 27.11 -4.87
CA ASP E 92 21.82 28.32 -4.93
C ASP E 92 20.70 28.28 -3.91
N ILE E 93 20.06 27.13 -3.73
CA ILE E 93 18.97 27.02 -2.78
C ILE E 93 19.48 27.20 -1.34
N CYS E 94 20.56 26.49 -1.00
CA CYS E 94 21.10 26.58 0.35
C CYS E 94 21.59 27.99 0.66
N ASN E 95 22.24 28.63 -0.31
CA ASN E 95 22.80 29.96 -0.05
C ASN E 95 21.71 31.00 0.17
N ASP E 96 20.61 30.90 -0.56
CA ASP E 96 19.47 31.76 -0.29
C ASP E 96 18.94 31.53 1.12
N VAL E 97 18.75 30.26 1.49
CA VAL E 97 18.20 29.96 2.81
C VAL E 97 19.17 30.41 3.90
N LEU E 98 20.46 30.13 3.72
CA LEU E 98 21.44 30.52 4.72
C LEU E 98 21.56 32.04 4.79
N GLU E 99 21.42 32.74 3.66
CA GLU E 99 21.35 34.19 3.72
C GLU E 99 20.13 34.63 4.53
N LEU E 100 18.97 34.03 4.27
CA LEU E 100 17.77 34.37 5.01
C LEU E 100 17.98 34.21 6.50
N LEU E 101 18.62 33.11 6.91
CA LEU E 101 18.89 32.88 8.32
C LEU E 101 19.79 33.96 8.92
N ASP E 102 20.85 34.35 8.19
CA ASP E 102 21.88 35.17 8.80
C ASP E 102 21.54 36.65 8.79
N LYS E 103 20.65 37.08 7.89
CA LYS E 103 20.20 38.45 7.83
C LYS E 103 18.88 38.66 8.56
N TYR E 104 18.02 37.65 8.65
CA TYR E 104 16.71 37.91 9.23
C TYR E 104 16.38 36.94 10.37
N LEU E 105 16.31 35.64 10.09
CA LEU E 105 15.73 34.72 11.07
C LEU E 105 16.51 34.71 12.37
N ILE E 106 17.81 34.41 12.28
CA ILE E 106 18.66 34.28 13.46
C ILE E 106 18.83 35.60 14.21
N PRO E 107 19.20 36.73 13.57
CA PRO E 107 19.33 37.97 14.35
C PRO E 107 18.02 38.50 14.89
N ASN E 108 16.92 38.30 14.17
CA ASN E 108 15.60 38.80 14.64
C ASN E 108 15.00 37.78 15.61
N ALA E 109 15.74 36.71 15.92
CA ALA E 109 15.24 35.68 16.87
C ALA E 109 15.45 36.19 18.29
N THR E 110 14.38 36.25 19.08
CA THR E 110 14.52 36.87 20.42
C THR E 110 14.49 35.80 21.52
N GLN E 111 13.63 34.81 21.38
CA GLN E 111 13.47 33.82 22.46
C GLN E 111 14.38 32.61 22.20
N PRO E 112 14.88 31.93 23.24
CA PRO E 112 15.80 30.82 23.07
C PRO E 112 15.29 29.72 22.13
N GLU E 113 13.99 29.48 22.13
CA GLU E 113 13.40 28.42 21.35
C GLU E 113 13.56 28.66 19.85
N SER E 114 13.28 29.89 19.40
CA SER E 114 13.50 30.25 18.00
C SER E 114 14.97 30.17 17.62
N LYS E 115 15.86 30.54 18.56
CA LYS E 115 17.29 30.54 18.27
C LYS E 115 17.79 29.12 18.03
N VAL E 116 17.30 28.16 18.82
CA VAL E 116 17.64 26.77 18.57
C VAL E 116 17.02 26.28 17.27
N PHE E 117 15.80 26.73 16.97
CA PHE E 117 15.17 26.35 15.71
C PHE E 117 16.00 26.80 14.51
N TYR E 118 16.37 28.09 14.47
CA TYR E 118 17.06 28.64 13.31
C TYR E 118 18.53 28.24 13.26
N LEU E 119 19.17 28.04 14.41
CA LEU E 119 20.55 27.56 14.39
C LEU E 119 20.60 26.12 13.87
N LYS E 120 19.64 25.29 14.29
CA LYS E 120 19.53 23.94 13.75
C LYS E 120 19.29 23.97 12.24
N MET E 121 18.48 24.93 11.78
CA MET E 121 18.26 25.09 10.34
C MET E 121 19.55 25.42 9.62
N LYS E 122 20.34 26.32 10.18
CA LYS E 122 21.63 26.67 9.59
C LYS E 122 22.53 25.44 9.50
N GLY E 123 22.54 24.62 10.56
CA GLY E 123 23.31 23.39 10.51
C GLY E 123 22.78 22.43 9.46
N ASP E 124 21.45 22.37 9.32
CA ASP E 124 20.84 21.50 8.32
C ASP E 124 21.27 21.89 6.90
N TYR E 125 21.15 23.18 6.56
CA TYR E 125 21.41 23.57 5.18
C TYR E 125 22.90 23.63 4.89
N PHE E 126 23.73 23.88 5.90
CA PHE E 126 25.16 23.66 5.72
C PHE E 126 25.48 22.17 5.57
N ARG E 127 24.68 21.30 6.21
CA ARG E 127 24.87 19.87 6.02
C ARG E 127 24.52 19.45 4.61
N TYR E 128 23.43 19.99 4.05
CA TYR E 128 23.05 19.64 2.69
C TYR E 128 24.13 20.05 1.70
N LEU E 129 24.77 21.21 1.92
CA LEU E 129 25.91 21.60 1.11
C LEU E 129 27.05 20.59 1.23
N SER E 130 27.30 20.11 2.45
CA SER E 130 28.38 19.16 2.69
C SER E 130 28.15 17.82 1.99
N GLU E 131 26.90 17.48 1.69
CA GLU E 131 26.63 16.22 1.00
C GLU E 131 27.19 16.21 -0.42
N VAL E 132 27.34 17.37 -1.04
CA VAL E 132 27.82 17.48 -2.42
C VAL E 132 29.07 18.33 -2.53
N ALA E 133 29.52 18.94 -1.44
CA ALA E 133 30.67 19.83 -1.48
C ALA E 133 31.95 19.04 -1.69
N SER E 134 33.02 19.75 -2.02
CA SER E 134 34.30 19.10 -2.28
C SER E 134 35.44 20.04 -1.92
N GLY E 135 36.55 19.44 -1.48
CA GLY E 135 37.76 20.20 -1.25
C GLY E 135 37.64 21.16 -0.07
N ASP E 136 38.25 22.33 -0.24
CA ASP E 136 38.22 23.35 0.80
C ASP E 136 36.79 23.81 1.08
N ASN E 137 35.92 23.77 0.08
CA ASN E 137 34.54 24.19 0.32
C ASN E 137 33.86 23.21 1.26
N LYS E 138 34.14 21.92 1.10
CA LYS E 138 33.56 20.91 1.98
C LYS E 138 34.01 21.12 3.42
N GLN E 139 35.31 21.40 3.61
CA GLN E 139 35.80 21.57 4.97
C GLN E 139 35.19 22.80 5.62
N THR E 140 34.93 23.84 4.82
CA THR E 140 34.23 25.02 5.32
C THR E 140 32.79 24.71 5.70
N THR E 141 32.04 24.06 4.80
CA THR E 141 30.64 23.75 5.10
C THR E 141 30.53 22.84 6.32
N VAL E 142 31.37 21.81 6.41
CA VAL E 142 31.34 20.87 7.53
C VAL E 142 31.58 21.60 8.83
N SER E 143 32.58 22.49 8.86
CA SER E 143 32.88 23.25 10.07
C SER E 143 31.71 24.14 10.46
N ASN E 144 31.14 24.86 9.49
CA ASN E 144 30.02 25.74 9.79
C ASN E 144 28.80 24.95 10.20
N SER E 145 28.55 23.82 9.55
CA SER E 145 27.44 22.98 9.96
C SER E 145 27.61 22.49 11.37
N GLN E 146 28.76 21.85 11.65
CA GLN E 146 28.98 21.32 12.99
C GLN E 146 28.90 22.43 14.04
N GLN E 147 29.43 23.60 13.72
CA GLN E 147 29.41 24.70 14.68
C GLN E 147 28.00 25.22 14.93
N ALA E 148 27.19 25.32 13.87
CA ALA E 148 25.81 25.78 14.06
C ALA E 148 25.04 24.80 14.92
N TYR E 149 25.19 23.50 14.64
CA TYR E 149 24.52 22.48 15.45
C TYR E 149 24.96 22.56 16.90
N GLN E 150 26.27 22.68 17.14
CA GLN E 150 26.78 22.67 18.50
C GLN E 150 26.27 23.85 19.31
N GLU E 151 26.25 25.04 18.70
CA GLU E 151 25.75 26.21 19.39
C GLU E 151 24.28 26.07 19.71
N ALA E 152 23.48 25.59 18.74
CA ALA E 152 22.08 25.30 18.99
C ALA E 152 21.91 24.23 20.07
N PHE E 153 22.80 23.24 20.10
CA PHE E 153 22.70 22.18 21.08
C PHE E 153 22.93 22.71 22.50
N GLU E 154 23.92 23.58 22.68
CA GLU E 154 24.21 24.11 24.00
C GLU E 154 23.05 24.95 24.53
N ILE E 155 22.46 25.79 23.68
CA ILE E 155 21.31 26.58 24.11
C ILE E 155 20.16 25.65 24.52
N SER E 156 19.95 24.57 23.78
CA SER E 156 18.81 23.71 24.07
C SER E 156 18.98 23.00 25.42
N LYS E 157 20.20 22.51 25.70
CA LYS E 157 20.44 21.85 26.99
C LYS E 157 20.19 22.79 28.15
N LYS E 158 20.27 24.09 27.92
CA LYS E 158 20.17 25.08 28.99
C LYS E 158 18.79 25.71 29.08
N GLU E 159 17.95 25.57 28.06
CA GLU E 159 16.67 26.26 28.06
C GLU E 159 15.47 25.38 27.79
N MET E 160 15.64 24.16 27.28
CA MET E 160 14.53 23.31 26.90
C MET E 160 14.60 21.97 27.61
N GLN E 161 13.43 21.38 27.82
CA GLN E 161 13.36 20.03 28.35
C GLN E 161 13.82 19.02 27.31
N PRO E 162 14.30 17.86 27.74
CA PRO E 162 14.77 16.84 26.77
C PRO E 162 13.67 16.35 25.84
N THR E 163 12.40 16.59 26.17
CA THR E 163 11.27 16.17 25.34
C THR E 163 10.75 17.29 24.43
N HIS E 164 11.34 18.48 24.49
CA HIS E 164 10.93 19.55 23.59
C HIS E 164 11.18 19.12 22.15
N PRO E 165 10.18 19.19 21.27
CA PRO E 165 10.35 18.66 19.91
C PRO E 165 11.48 19.32 19.14
N ILE E 166 11.70 20.62 19.33
CA ILE E 166 12.80 21.31 18.66
C ILE E 166 14.15 20.79 19.18
N ARG E 167 14.25 20.58 20.50
CA ARG E 167 15.48 20.00 21.05
C ARG E 167 15.67 18.57 20.56
N LEU E 168 14.59 17.80 20.48
CA LEU E 168 14.69 16.42 19.99
C LEU E 168 15.07 16.36 18.52
N GLY E 169 14.35 17.11 17.68
CA GLY E 169 14.68 17.14 16.26
C GLY E 169 16.06 17.68 15.97
N LEU E 170 16.56 18.59 16.83
CA LEU E 170 17.94 19.04 16.69
C LEU E 170 18.93 17.91 16.95
N ALA E 171 18.68 17.11 18.00
CA ALA E 171 19.55 15.97 18.27
C ALA E 171 19.46 14.92 17.17
N LEU E 172 18.28 14.72 16.60
CA LEU E 172 18.12 13.75 15.52
C LEU E 172 19.01 14.14 14.33
N ASN E 173 18.97 15.41 13.95
CA ASN E 173 19.74 15.85 12.79
C ASN E 173 21.24 15.93 13.11
N PHE E 174 21.58 16.33 14.33
CA PHE E 174 22.99 16.40 14.70
C PHE E 174 23.61 15.01 14.66
N SER E 175 22.88 14.00 15.11
CA SER E 175 23.37 12.63 15.00
C SER E 175 23.50 12.22 13.53
N VAL E 176 22.53 12.59 12.68
CA VAL E 176 22.64 12.31 11.26
C VAL E 176 23.86 12.99 10.67
N PHE E 177 24.18 14.19 11.16
CA PHE E 177 25.38 14.89 10.70
C PHE E 177 26.64 14.09 11.02
N TYR E 178 26.70 13.47 12.20
CA TYR E 178 27.85 12.65 12.54
C TYR E 178 27.89 11.38 11.71
N TYR E 179 26.74 10.79 11.42
CA TYR E 179 26.73 9.54 10.67
C TYR E 179 27.08 9.78 9.20
N GLU E 180 26.39 10.71 8.55
CA GLU E 180 26.47 10.87 7.10
C GLU E 180 27.52 11.87 6.64
N ILE E 181 27.76 12.95 7.38
CA ILE E 181 28.75 13.93 6.94
C ILE E 181 30.13 13.58 7.46
N LEU E 182 30.27 13.35 8.75
CA LEU E 182 31.50 12.76 9.27
C LEU E 182 31.32 11.24 9.22
N ASN E 183 32.44 10.52 9.19
CA ASN E 183 32.34 9.07 9.10
C ASN E 183 32.40 8.41 10.49
N SER E 184 31.52 8.85 11.41
CA SER E 184 31.56 8.46 12.82
C SER E 184 30.22 7.89 13.31
N PRO E 185 29.93 6.61 13.02
CA PRO E 185 28.66 6.06 13.42
C PRO E 185 28.52 6.04 14.94
N GLU E 186 29.64 5.93 15.65
CA GLU E 186 29.58 5.80 17.13
C GLU E 186 29.09 7.08 17.80
N LYS E 187 29.63 8.24 17.44
CA LYS E 187 29.10 9.49 18.01
C LYS E 187 27.62 9.55 17.65
N ALA E 188 27.32 9.25 16.38
CA ALA E 188 25.92 9.33 15.94
C ALA E 188 25.07 8.54 16.91
N CYS E 189 25.31 7.24 16.98
CA CYS E 189 24.56 6.40 17.90
C CYS E 189 24.67 6.93 19.32
N SER E 190 25.85 7.44 19.71
CA SER E 190 26.01 7.97 21.05
C SER E 190 25.12 9.17 21.29
N LEU E 191 25.11 10.12 20.36
CA LEU E 191 24.29 11.32 20.59
C LEU E 191 22.83 10.90 20.65
N ALA E 192 22.38 10.11 19.67
CA ALA E 192 20.96 9.75 19.57
C ALA E 192 20.47 9.09 20.85
N LYS E 193 21.18 8.07 21.30
CA LYS E 193 20.69 7.34 22.48
C LYS E 193 20.57 8.32 23.65
N THR E 194 21.62 9.09 23.89
CA THR E 194 21.58 10.02 25.04
C THR E 194 20.32 10.85 24.90
N ALA E 195 20.13 11.45 23.73
CA ALA E 195 18.96 12.32 23.53
C ALA E 195 17.70 11.53 23.87
N PHE E 196 17.58 10.34 23.29
CA PHE E 196 16.39 9.55 23.56
C PHE E 196 16.26 9.27 25.06
N ASP E 197 17.37 8.86 25.70
CA ASP E 197 17.30 8.47 27.11
C ASP E 197 16.90 9.63 28.02
N GLU E 198 17.36 10.85 27.72
CA GLU E 198 16.97 11.97 28.55
C GLU E 198 15.48 12.27 28.41
N ALA E 199 14.95 12.18 27.19
CA ALA E 199 13.53 12.41 26.99
C ALA E 199 12.69 11.38 27.73
N ILE E 200 13.07 10.11 27.65
CA ILE E 200 12.33 9.06 28.34
C ILE E 200 12.45 9.23 29.84
N ALA E 201 13.63 9.65 30.32
CA ALA E 201 13.84 9.91 31.74
C ALA E 201 13.01 11.06 32.26
N GLU E 202 12.37 11.84 31.39
CA GLU E 202 11.63 13.04 31.74
C GLU E 202 10.27 13.04 31.08
N LEU E 203 9.64 11.86 30.97
CA LEU E 203 8.37 11.73 30.28
C LEU E 203 7.26 12.60 30.89
N ASP E 204 7.52 13.16 32.07
CA ASP E 204 6.53 14.01 32.76
C ASP E 204 6.51 15.40 32.15
N THR E 205 7.54 15.72 31.36
CA THR E 205 7.67 17.07 30.77
C THR E 205 6.80 17.19 29.51
N LEU E 206 6.32 16.06 29.00
CA LEU E 206 5.48 16.08 27.78
C LEU E 206 4.33 17.04 28.02
N ASN E 207 3.99 17.85 27.03
CA ASN E 207 2.93 18.86 27.19
C ASN E 207 1.82 18.57 26.20
N GLU E 208 0.62 19.03 26.51
CA GLU E 208 -0.51 18.71 25.64
C GLU E 208 -0.26 19.24 24.23
N GLU E 209 0.58 20.28 24.10
CA GLU E 209 0.67 20.85 22.76
C GLU E 209 1.49 20.02 21.78
N SER E 210 2.42 19.18 22.26
CA SER E 210 3.34 18.54 21.34
C SER E 210 3.76 17.13 21.75
N TYR E 211 3.03 16.48 22.65
CA TYR E 211 3.41 15.12 23.06
C TYR E 211 3.44 14.20 21.86
N LYS E 212 2.53 14.40 20.90
CA LYS E 212 2.57 13.63 19.67
C LYS E 212 3.85 13.89 18.90
N ASP E 213 4.28 15.14 18.82
CA ASP E 213 5.52 15.45 18.11
C ASP E 213 6.73 14.96 18.89
N SER E 214 6.73 15.19 20.21
CA SER E 214 7.83 14.73 21.05
C SER E 214 8.03 13.22 20.91
N THR E 215 6.94 12.46 21.02
CA THR E 215 7.07 11.01 20.94
C THR E 215 7.48 10.58 19.54
N LEU E 216 6.99 11.28 18.51
CA LEU E 216 7.32 10.90 17.15
C LEU E 216 8.82 11.01 16.89
N ILE E 217 9.42 12.14 17.31
CA ILE E 217 10.86 12.31 17.14
C ILE E 217 11.63 11.34 18.03
N MET E 218 11.11 11.05 19.24
CA MET E 218 11.72 10.01 20.05
C MET E 218 11.76 8.70 19.30
N GLN E 219 10.66 8.38 18.61
CA GLN E 219 10.61 7.16 17.82
C GLN E 219 11.57 7.22 16.64
N LEU E 220 11.73 8.42 16.04
CA LEU E 220 12.63 8.54 14.89
C LEU E 220 14.08 8.32 15.33
N LEU E 221 14.46 8.89 16.48
CA LEU E 221 15.78 8.58 17.04
C LEU E 221 15.96 7.09 17.20
N ARG E 222 14.93 6.39 17.70
CA ARG E 222 14.99 4.94 17.87
C ARG E 222 15.11 4.24 16.52
N ASP E 223 14.32 4.66 15.54
CA ASP E 223 14.43 4.10 14.19
C ASP E 223 15.83 4.30 13.62
N ASN E 224 16.38 5.51 13.75
CA ASN E 224 17.75 5.74 13.30
C ASN E 224 18.74 4.82 14.01
N LEU E 225 18.53 4.60 15.32
CA LEU E 225 19.43 3.73 16.07
C LEU E 225 19.33 2.29 15.59
N THR E 226 18.12 1.82 15.28
CA THR E 226 17.99 0.45 14.77
C THR E 226 18.66 0.32 13.41
N LEU E 227 18.43 1.28 12.51
CA LEU E 227 19.04 1.24 11.19
C LEU E 227 20.56 1.27 11.25
N TRP E 228 21.13 1.97 12.22
CA TRP E 228 22.57 2.14 12.31
C TRP E 228 23.27 1.03 13.09
N THR E 229 22.51 0.10 13.68
CA THR E 229 23.08 -1.05 14.36
C THR E 229 22.57 -2.40 13.85
N SER E 230 21.54 -2.39 13.01
CA SER E 230 21.05 -3.62 12.40
C SER E 230 21.28 -3.64 10.90
N ARG F 1 1.62 9.44 9.93
CA ARG F 1 2.59 9.34 11.03
C ARG F 1 3.54 8.17 10.82
N ASP F 2 2.98 7.01 10.48
CA ASP F 2 3.81 5.92 10.01
C ASP F 2 4.43 6.26 8.67
N LYS F 3 3.84 7.23 7.96
CA LYS F 3 4.44 7.76 6.73
C LYS F 3 5.77 8.44 7.03
N ILE F 4 5.81 9.29 8.05
CA ILE F 4 7.05 9.99 8.37
C ILE F 4 8.13 8.99 8.76
N ARG F 5 7.76 7.98 9.55
CA ARG F 5 8.73 6.98 9.99
C ARG F 5 9.24 6.17 8.79
N LEU F 6 8.34 5.84 7.86
CA LEU F 6 8.73 5.17 6.64
C LEU F 6 9.56 6.09 5.73
N ASN F 7 9.17 7.35 5.63
CA ASN F 7 9.94 8.30 4.83
C ASN F 7 11.35 8.45 5.41
N ASN F 8 11.45 8.60 6.73
CA ASN F 8 12.76 8.74 7.36
C ASN F 8 13.60 7.50 7.13
N ALA F 9 12.99 6.32 7.26
CA ALA F 9 13.75 5.09 7.11
C ALA F 9 14.35 4.97 5.71
N ILE F 10 13.59 5.39 4.69
CA ILE F 10 14.07 5.26 3.32
C ILE F 10 15.15 6.28 3.02
N TRP F 11 15.01 7.49 3.58
CA TRP F 11 16.03 8.51 3.34
C TRP F 11 17.34 8.16 4.03
N ARG F 12 17.28 7.67 5.26
CA ARG F 12 18.49 7.27 5.98
C ARG F 12 19.10 6.00 5.38
N ALA F 13 18.29 5.16 4.74
CA ALA F 13 18.78 3.90 4.22
C ALA F 13 19.68 4.09 3.00
N TRP F 14 19.39 5.09 2.17
CA TRP F 14 20.17 5.29 0.96
C TRP F 14 21.64 5.47 1.27
N TYR F 15 21.96 6.24 2.32
CA TYR F 15 23.36 6.51 2.62
C TYR F 15 24.10 5.24 3.05
N ILE F 16 23.44 4.39 3.85
CA ILE F 16 24.10 3.17 4.33
C ILE F 16 24.43 2.25 3.16
N GLN F 17 23.56 2.21 2.16
CA GLN F 17 23.78 1.38 0.99
C GLN F 17 24.75 2.03 0.02
N TYR F 18 24.71 3.36 -0.08
CA TYR F 18 25.57 4.09 -1.01
C TYR F 18 27.05 4.01 -0.63
N VAL F 19 27.37 4.05 0.66
CA VAL F 19 28.78 4.03 1.09
C VAL F 19 29.32 2.62 1.33
N GLN F 20 28.45 1.62 1.45
CA GLN F 20 28.89 0.24 1.64
C GLN F 20 29.17 -0.46 0.32
N MET G 1 -29.05 -31.78 1.07
CA MET G 1 -29.14 -30.59 0.22
C MET G 1 -28.93 -30.94 -1.25
N ASP G 2 -29.50 -30.15 -2.16
CA ASP G 2 -29.30 -30.42 -3.58
C ASP G 2 -27.96 -29.83 -4.04
N LYS G 3 -27.72 -29.89 -5.36
CA LYS G 3 -26.47 -29.37 -5.92
C LYS G 3 -26.40 -27.86 -5.81
N SER G 4 -27.45 -27.17 -6.28
CA SER G 4 -27.45 -25.70 -6.28
C SER G 4 -27.40 -25.15 -4.87
N GLU G 5 -28.00 -25.87 -3.92
CA GLU G 5 -27.96 -25.43 -2.54
C GLU G 5 -26.52 -25.39 -2.02
N LEU G 6 -25.77 -26.48 -2.25
CA LEU G 6 -24.38 -26.53 -1.79
C LEU G 6 -23.52 -25.46 -2.44
N VAL G 7 -23.78 -25.16 -3.72
CA VAL G 7 -22.98 -24.16 -4.44
C VAL G 7 -23.22 -22.78 -3.85
N GLN G 8 -24.45 -22.49 -3.44
CA GLN G 8 -24.73 -21.22 -2.77
C GLN G 8 -23.95 -21.11 -1.46
N LYS G 9 -23.87 -22.22 -0.70
CA LYS G 9 -23.05 -22.23 0.51
C LYS G 9 -21.61 -21.88 0.22
N ALA G 10 -21.05 -22.45 -0.85
CA ALA G 10 -19.65 -22.19 -1.20
C ALA G 10 -19.41 -20.72 -1.52
N LYS G 11 -20.32 -20.09 -2.24
CA LYS G 11 -20.14 -18.67 -2.53
C LYS G 11 -20.25 -17.87 -1.25
N LEU G 12 -21.21 -18.20 -0.39
CA LEU G 12 -21.31 -17.52 0.90
C LEU G 12 -20.09 -17.80 1.76
N ALA G 13 -19.65 -19.05 1.81
CA ALA G 13 -18.46 -19.37 2.59
C ALA G 13 -17.26 -18.61 2.06
N GLU G 14 -17.12 -18.53 0.73
CA GLU G 14 -16.00 -17.81 0.15
C GLU G 14 -16.04 -16.34 0.49
N GLN G 15 -17.23 -15.74 0.46
CA GLN G 15 -17.36 -14.34 0.85
C GLN G 15 -16.98 -14.15 2.31
N ALA G 16 -17.40 -15.07 3.18
CA ALA G 16 -17.07 -15.04 4.61
C ALA G 16 -15.67 -15.52 4.91
N GLU G 17 -14.85 -15.81 3.89
CA GLU G 17 -13.48 -16.29 4.06
C GLU G 17 -13.42 -17.55 4.94
N ARG G 18 -14.47 -18.36 4.90
CA ARG G 18 -14.52 -19.63 5.62
C ARG G 18 -14.27 -20.75 4.60
N TYR G 19 -13.00 -20.91 4.23
CA TYR G 19 -12.64 -21.80 3.13
C TYR G 19 -12.77 -23.28 3.50
N ASP G 20 -12.72 -23.61 4.79
CA ASP G 20 -13.01 -24.98 5.20
C ASP G 20 -14.47 -25.33 4.91
N ASP G 21 -15.40 -24.42 5.24
CA ASP G 21 -16.79 -24.60 4.81
C ASP G 21 -16.88 -24.67 3.29
N MET G 22 -16.11 -23.82 2.60
CA MET G 22 -16.20 -23.76 1.14
C MET G 22 -15.72 -25.04 0.51
N ALA G 23 -14.63 -25.61 1.03
CA ALA G 23 -14.13 -26.87 0.52
C ALA G 23 -15.11 -27.99 0.81
N ALA G 24 -15.74 -27.97 1.99
CA ALA G 24 -16.70 -29.01 2.35
C ALA G 24 -17.90 -29.00 1.40
N ALA G 25 -18.46 -27.82 1.14
CA ALA G 25 -19.61 -27.74 0.24
C ALA G 25 -19.27 -28.26 -1.16
N MET G 26 -18.10 -27.88 -1.71
CA MET G 26 -17.74 -28.36 -3.05
C MET G 26 -17.37 -29.84 -3.06
N LYS G 27 -16.84 -30.36 -1.96
CA LYS G 27 -16.61 -31.80 -1.86
C LYS G 27 -17.92 -32.55 -1.95
N ALA G 28 -18.97 -32.01 -1.33
CA ALA G 28 -20.29 -32.63 -1.40
C ALA G 28 -20.84 -32.58 -2.82
N VAL G 29 -20.68 -31.44 -3.50
CA VAL G 29 -21.10 -31.35 -4.91
C VAL G 29 -20.35 -32.38 -5.74
N THR G 30 -19.03 -32.48 -5.54
CA THR G 30 -18.24 -33.43 -6.31
C THR G 30 -18.70 -34.86 -6.06
N GLU G 31 -19.00 -35.20 -4.81
CA GLU G 31 -19.38 -36.55 -4.44
C GLU G 31 -20.74 -36.96 -4.97
N GLN G 32 -21.51 -36.03 -5.54
CA GLN G 32 -22.79 -36.36 -6.13
C GLN G 32 -22.67 -37.02 -7.51
N GLY G 33 -21.46 -37.18 -8.04
CA GLY G 33 -21.24 -37.96 -9.22
C GLY G 33 -21.29 -37.22 -10.54
N HIS G 34 -22.02 -36.11 -10.63
CA HIS G 34 -22.11 -35.39 -11.90
C HIS G 34 -20.80 -34.67 -12.20
N GLU G 35 -20.54 -34.47 -13.48
CA GLU G 35 -19.38 -33.70 -13.91
C GLU G 35 -19.54 -32.25 -13.46
N LEU G 36 -18.49 -31.71 -12.85
CA LEU G 36 -18.58 -30.35 -12.34
C LEU G 36 -18.61 -29.36 -13.50
N SER G 37 -19.54 -28.41 -13.42
CA SER G 37 -19.56 -27.32 -14.38
C SER G 37 -18.30 -26.49 -14.22
N ASN G 38 -18.12 -25.52 -15.11
CA ASN G 38 -16.90 -24.73 -15.03
C ASN G 38 -16.88 -23.89 -13.76
N GLU G 39 -18.03 -23.36 -13.34
CA GLU G 39 -18.05 -22.59 -12.11
C GLU G 39 -17.75 -23.47 -10.91
N GLU G 40 -18.34 -24.67 -10.88
CA GLU G 40 -18.09 -25.59 -9.76
C GLU G 40 -16.63 -26.01 -9.71
N ARG G 41 -16.03 -26.28 -10.86
CA ARG G 41 -14.63 -26.69 -10.87
C ARG G 41 -13.73 -25.61 -10.28
N ASN G 42 -14.00 -24.34 -10.60
CA ASN G 42 -13.19 -23.28 -10.01
C ASN G 42 -13.49 -23.10 -8.53
N LEU G 43 -14.76 -23.15 -8.12
CA LEU G 43 -15.09 -23.06 -6.71
C LEU G 43 -14.40 -24.18 -5.92
N LEU G 44 -14.41 -25.38 -6.47
CA LEU G 44 -13.73 -26.49 -5.81
C LEU G 44 -12.22 -26.24 -5.74
N SER G 45 -11.63 -25.79 -6.85
CA SER G 45 -10.20 -25.57 -6.91
C SER G 45 -9.78 -24.41 -6.00
N VAL G 46 -10.53 -23.32 -6.02
CA VAL G 46 -10.20 -22.17 -5.18
C VAL G 46 -10.33 -22.50 -3.71
N ALA G 47 -11.37 -23.27 -3.34
CA ALA G 47 -11.59 -23.61 -1.95
C ALA G 47 -10.44 -24.43 -1.38
N TYR G 48 -10.07 -25.50 -2.08
CA TYR G 48 -9.08 -26.42 -1.52
C TYR G 48 -7.68 -25.82 -1.59
N LYS G 49 -7.42 -24.96 -2.58
CA LYS G 49 -6.14 -24.28 -2.66
C LYS G 49 -5.94 -23.32 -1.50
N ASN G 50 -7.02 -22.73 -1.00
CA ASN G 50 -6.91 -21.93 0.22
C ASN G 50 -6.72 -22.82 1.44
N VAL G 51 -7.39 -23.97 1.48
CA VAL G 51 -7.32 -24.83 2.66
C VAL G 51 -5.92 -25.43 2.79
N VAL G 52 -5.42 -26.00 1.71
CA VAL G 52 -4.04 -26.49 1.72
C VAL G 52 -3.06 -25.32 1.82
N GLY G 53 -3.41 -24.17 1.25
CA GLY G 53 -2.49 -23.05 1.25
C GLY G 53 -2.21 -22.50 2.63
N ALA G 54 -3.21 -22.52 3.51
CA ALA G 54 -2.98 -22.06 4.88
C ALA G 54 -1.94 -22.91 5.58
N ARG G 55 -1.97 -24.22 5.35
CA ARG G 55 -1.05 -25.12 6.03
C ARG G 55 0.35 -25.04 5.46
N ARG G 56 0.48 -24.83 4.15
CA ARG G 56 1.80 -24.65 3.54
C ARG G 56 2.48 -23.40 4.09
N SER G 57 1.77 -22.28 4.15
CA SER G 57 2.35 -21.05 4.69
C SER G 57 2.69 -21.21 6.17
N SER G 58 1.82 -21.85 6.95
CA SER G 58 2.12 -22.10 8.36
C SER G 58 3.37 -22.96 8.50
N TRP G 59 3.44 -24.03 7.72
CA TRP G 59 4.62 -24.88 7.72
C TRP G 59 5.88 -24.07 7.38
N ARG G 60 5.77 -23.18 6.40
CA ARG G 60 6.93 -22.39 5.98
C ARG G 60 7.43 -21.50 7.11
N VAL G 61 6.51 -20.89 7.87
CA VAL G 61 6.90 -20.02 8.97
C VAL G 61 7.60 -20.83 10.06
N ILE G 62 7.04 -21.97 10.43
CA ILE G 62 7.63 -22.78 11.49
C ILE G 62 9.00 -23.29 11.06
N SER G 63 9.12 -23.71 9.80
CA SER G 63 10.41 -24.20 9.30
C SER G 63 11.48 -23.12 9.36
N SER G 64 11.12 -21.90 8.96
CA SER G 64 12.07 -20.79 9.04
C SER G 64 12.43 -20.48 10.48
N ILE G 65 11.47 -20.62 11.39
CA ILE G 65 11.76 -20.39 12.81
C ILE G 65 12.76 -21.41 13.33
N GLU G 66 12.57 -22.69 12.98
CA GLU G 66 13.50 -23.74 13.39
C GLU G 66 14.92 -23.44 12.92
N GLN G 67 15.08 -23.04 11.65
CA GLN G 67 16.42 -22.77 11.13
C GLN G 67 17.06 -21.59 11.86
N LYS G 68 16.25 -20.64 12.29
CA LYS G 68 16.71 -19.49 13.06
C LYS G 68 16.83 -19.78 14.55
N THR G 69 15.94 -20.63 15.08
CA THR G 69 15.93 -20.92 16.50
C THR G 69 17.23 -21.59 16.94
N GLU G 70 17.77 -21.10 18.05
CA GLU G 70 19.07 -21.54 18.53
C GLU G 70 18.93 -22.36 19.80
N ARG G 71 19.63 -21.93 20.87
CA ARG G 71 19.57 -22.62 22.15
C ARG G 71 18.13 -22.81 22.60
N ASN G 72 17.82 -24.02 23.06
CA ASN G 72 16.48 -24.34 23.52
C ASN G 72 16.37 -25.77 24.04
N GLU G 73 16.63 -26.73 23.16
CA GLU G 73 16.45 -28.15 23.44
C GLU G 73 14.95 -28.42 23.61
N LYS G 74 14.34 -27.84 24.64
CA LYS G 74 12.90 -28.03 24.81
C LYS G 74 12.09 -27.30 23.74
N LYS G 75 12.50 -26.06 23.40
CA LYS G 75 11.81 -25.32 22.34
C LYS G 75 12.09 -25.91 20.96
N GLN G 76 13.34 -26.32 20.71
CA GLN G 76 13.66 -26.92 19.42
C GLN G 76 12.78 -28.13 19.17
N GLN G 77 12.61 -28.98 20.18
CA GLN G 77 11.67 -30.10 20.06
C GLN G 77 10.26 -29.58 19.82
N MET G 78 9.86 -28.51 20.51
CA MET G 78 8.51 -27.99 20.35
C MET G 78 8.26 -27.49 18.93
N GLY G 79 9.23 -26.80 18.34
CA GLY G 79 9.08 -26.40 16.94
C GLY G 79 8.91 -27.59 16.01
N LYS G 80 9.72 -28.63 16.22
CA LYS G 80 9.56 -29.88 15.46
C LYS G 80 8.18 -30.48 15.71
N GLU G 81 7.71 -30.39 16.95
CA GLU G 81 6.44 -30.99 17.33
C GLU G 81 5.29 -30.30 16.60
N TYR G 82 5.31 -28.97 16.55
CA TYR G 82 4.25 -28.19 15.91
C TYR G 82 4.32 -28.28 14.39
N ARG G 83 5.53 -28.29 13.83
CA ARG G 83 5.66 -28.48 12.39
C ARG G 83 5.07 -29.82 11.96
N GLU G 84 5.36 -30.88 12.72
CA GLU G 84 4.87 -32.20 12.37
C GLU G 84 3.35 -32.28 12.48
N LYS G 85 2.76 -31.48 13.38
CA LYS G 85 1.30 -31.40 13.42
C LYS G 85 0.77 -30.78 12.14
N ILE G 86 1.38 -29.67 11.69
CA ILE G 86 0.97 -29.00 10.46
C ILE G 86 1.13 -29.93 9.27
N GLU G 87 2.21 -30.73 9.26
CA GLU G 87 2.41 -31.70 8.17
C GLU G 87 1.31 -32.75 8.16
N ALA G 88 0.88 -33.18 9.35
CA ALA G 88 -0.21 -34.15 9.43
C ALA G 88 -1.49 -33.55 8.89
N GLU G 89 -1.81 -32.31 9.29
CA GLU G 89 -2.95 -31.61 8.71
C GLU G 89 -2.80 -31.47 7.21
N LEU G 90 -1.59 -31.09 6.76
CA LEU G 90 -1.31 -30.95 5.34
C LEU G 90 -1.60 -32.25 4.59
N GLN G 91 -1.18 -33.38 5.15
CA GLN G 91 -1.35 -34.64 4.45
C GLN G 91 -2.82 -35.03 4.38
N ASP G 92 -3.57 -34.79 5.45
CA ASP G 92 -5.01 -35.10 5.44
C ASP G 92 -5.73 -34.33 4.34
N ILE G 93 -5.37 -33.05 4.16
CA ILE G 93 -6.01 -32.24 3.14
C ILE G 93 -5.66 -32.76 1.75
N CYS G 94 -4.38 -33.03 1.49
CA CYS G 94 -3.96 -33.51 0.19
C CYS G 94 -4.60 -34.84 -0.15
N ASN G 95 -4.71 -35.74 0.84
CA ASN G 95 -5.31 -37.05 0.58
C ASN G 95 -6.80 -36.92 0.26
N ASP G 96 -7.48 -35.96 0.89
CA ASP G 96 -8.87 -35.68 0.52
C ASP G 96 -8.98 -35.29 -0.95
N VAL G 97 -8.15 -34.35 -1.39
CA VAL G 97 -8.22 -33.86 -2.76
C VAL G 97 -7.85 -34.96 -3.74
N LEU G 98 -6.78 -35.69 -3.45
CA LEU G 98 -6.34 -36.75 -4.35
C LEU G 98 -7.36 -37.89 -4.42
N GLU G 99 -8.06 -38.18 -3.33
CA GLU G 99 -9.17 -39.12 -3.41
C GLU G 99 -10.28 -38.57 -4.30
N LEU G 100 -10.69 -37.32 -4.05
CA LEU G 100 -11.74 -36.68 -4.84
C LEU G 100 -11.37 -36.69 -6.33
N LEU G 101 -10.12 -36.35 -6.66
CA LEU G 101 -9.69 -36.35 -8.06
C LEU G 101 -9.80 -37.73 -8.69
N ASP G 102 -9.35 -38.77 -7.98
CA ASP G 102 -9.15 -40.06 -8.62
C ASP G 102 -10.41 -40.92 -8.66
N LYS G 103 -11.36 -40.65 -7.80
CA LYS G 103 -12.62 -41.37 -7.81
C LYS G 103 -13.74 -40.63 -8.52
N TYR G 104 -13.70 -39.30 -8.58
CA TYR G 104 -14.80 -38.55 -9.20
C TYR G 104 -14.30 -37.65 -10.32
N LEU G 105 -13.38 -36.72 -10.04
CA LEU G 105 -13.06 -35.66 -10.98
C LEU G 105 -12.43 -36.22 -12.25
N ILE G 106 -11.31 -36.93 -12.10
CA ILE G 106 -10.62 -37.44 -13.27
C ILE G 106 -11.44 -38.46 -14.05
N PRO G 107 -12.07 -39.47 -13.41
CA PRO G 107 -12.85 -40.41 -14.22
C PRO G 107 -14.08 -39.78 -14.89
N ASN G 108 -14.73 -38.81 -14.25
CA ASN G 108 -15.91 -38.20 -14.83
C ASN G 108 -15.58 -37.11 -15.84
N ALA G 109 -14.30 -36.84 -16.10
CA ALA G 109 -13.96 -35.79 -17.05
C ALA G 109 -14.14 -36.34 -18.46
N THR G 110 -14.83 -35.57 -19.31
CA THR G 110 -15.10 -36.02 -20.65
C THR G 110 -14.48 -35.15 -21.74
N GLN G 111 -14.16 -33.96 -21.46
CA GLN G 111 -13.46 -33.14 -22.42
C GLN G 111 -11.97 -33.04 -22.08
N PRO G 112 -11.11 -32.90 -23.09
CA PRO G 112 -9.66 -32.83 -22.82
C PRO G 112 -9.26 -31.66 -21.94
N GLU G 113 -10.09 -30.61 -21.86
CA GLU G 113 -9.75 -29.46 -21.01
C GLU G 113 -9.88 -29.80 -19.54
N SER G 114 -11.00 -30.42 -19.14
CA SER G 114 -11.17 -30.84 -17.76
C SER G 114 -10.13 -31.87 -17.37
N LYS G 115 -9.77 -32.76 -18.31
CA LYS G 115 -8.81 -33.83 -18.01
C LYS G 115 -7.43 -33.26 -17.72
N VAL G 116 -6.99 -32.25 -18.49
CA VAL G 116 -5.71 -31.61 -18.20
C VAL G 116 -5.81 -30.83 -16.89
N PHE G 117 -6.95 -30.17 -16.65
CA PHE G 117 -7.12 -29.42 -15.42
C PHE G 117 -6.96 -30.31 -14.20
N TYR G 118 -7.64 -31.45 -14.19
CA TYR G 118 -7.65 -32.27 -12.99
C TYR G 118 -6.34 -33.04 -12.80
N LEU G 119 -5.67 -33.44 -13.89
CA LEU G 119 -4.39 -34.12 -13.73
C LEU G 119 -3.33 -33.16 -13.20
N LYS G 120 -3.34 -31.92 -13.69
CA LYS G 120 -2.46 -30.89 -13.14
C LYS G 120 -2.74 -30.68 -11.66
N MET G 121 -4.01 -30.75 -11.25
CA MET G 121 -4.34 -30.68 -9.84
C MET G 121 -3.73 -31.82 -9.06
N LYS G 122 -3.82 -33.04 -9.61
CA LYS G 122 -3.21 -34.19 -8.96
C LYS G 122 -1.71 -33.99 -8.82
N GLY G 123 -1.07 -33.44 -9.84
CA GLY G 123 0.35 -33.13 -9.72
C GLY G 123 0.62 -32.08 -8.66
N ASP G 124 -0.26 -31.09 -8.56
CA ASP G 124 -0.10 -30.03 -7.56
C ASP G 124 -0.15 -30.60 -6.13
N TYR G 125 -1.16 -31.43 -5.84
CA TYR G 125 -1.34 -31.87 -4.46
C TYR G 125 -0.37 -32.98 -4.09
N PHE G 126 0.04 -33.80 -5.06
CA PHE G 126 1.17 -34.68 -4.80
C PHE G 126 2.44 -33.89 -4.56
N ARG G 127 2.53 -32.71 -5.19
CA ARG G 127 3.67 -31.85 -4.95
C ARG G 127 3.65 -31.28 -3.54
N TYR G 128 2.47 -30.88 -3.06
CA TYR G 128 2.39 -30.34 -1.71
C TYR G 128 2.80 -31.40 -0.69
N LEU G 129 2.43 -32.66 -0.96
CA LEU G 129 2.93 -33.78 -0.16
C LEU G 129 4.45 -33.89 -0.24
N SER G 130 5.02 -33.74 -1.45
CA SER G 130 6.47 -33.89 -1.62
C SER G 130 7.26 -32.81 -0.88
N GLU G 131 6.65 -31.64 -0.65
CA GLU G 131 7.33 -30.57 0.05
C GLU G 131 7.63 -30.94 1.51
N VAL G 132 6.89 -31.90 2.07
CA VAL G 132 7.08 -32.29 3.47
C VAL G 132 7.36 -33.78 3.64
N ALA G 133 7.29 -34.59 2.59
CA ALA G 133 7.46 -36.03 2.72
C ALA G 133 8.92 -36.41 2.94
N SER G 134 9.13 -37.65 3.38
CA SER G 134 10.46 -38.19 3.63
C SER G 134 10.44 -39.71 3.48
N GLY G 135 11.60 -40.27 3.14
CA GLY G 135 11.75 -41.72 3.07
C GLY G 135 11.04 -42.30 1.85
N ASP G 136 10.44 -43.47 2.04
CA ASP G 136 9.70 -44.10 0.94
C ASP G 136 8.53 -43.23 0.50
N ASN G 137 7.95 -42.46 1.42
CA ASN G 137 6.80 -41.64 1.09
C ASN G 137 7.18 -40.53 0.12
N LYS G 138 8.37 -39.93 0.30
CA LYS G 138 8.78 -38.86 -0.60
C LYS G 138 8.92 -39.38 -2.02
N GLN G 139 9.59 -40.52 -2.19
CA GLN G 139 9.79 -41.03 -3.54
C GLN G 139 8.48 -41.47 -4.17
N THR G 140 7.52 -41.92 -3.38
CA THR G 140 6.20 -42.21 -3.91
C THR G 140 5.48 -40.95 -4.38
N THR G 141 5.39 -39.93 -3.50
CA THR G 141 4.69 -38.70 -3.88
C THR G 141 5.37 -37.99 -5.04
N VAL G 142 6.71 -37.91 -5.02
CA VAL G 142 7.43 -37.21 -6.08
C VAL G 142 7.15 -37.85 -7.44
N SER G 143 7.21 -39.17 -7.51
CA SER G 143 6.97 -39.84 -8.79
C SER G 143 5.55 -39.62 -9.27
N ASN G 144 4.57 -39.74 -8.37
CA ASN G 144 3.17 -39.56 -8.76
C ASN G 144 2.90 -38.14 -9.24
N SER G 145 3.52 -37.15 -8.60
CA SER G 145 3.39 -35.77 -9.05
C SER G 145 3.88 -35.65 -10.48
N GLN G 146 5.12 -36.09 -10.73
CA GLN G 146 5.69 -36.01 -12.06
C GLN G 146 4.85 -36.75 -13.08
N GLN G 147 4.30 -37.91 -12.71
CA GLN G 147 3.64 -38.68 -13.76
C GLN G 147 2.31 -38.00 -14.12
N ALA G 148 1.66 -37.44 -13.11
CA ALA G 148 0.42 -36.71 -13.31
C ALA G 148 0.65 -35.48 -14.17
N TYR G 149 1.69 -34.70 -13.87
CA TYR G 149 2.02 -33.54 -14.70
C TYR G 149 2.34 -33.98 -16.13
N GLN G 150 3.14 -35.04 -16.25
CA GLN G 150 3.58 -35.48 -17.57
C GLN G 150 2.40 -35.91 -18.44
N GLU G 151 1.44 -36.64 -17.86
CA GLU G 151 0.27 -37.05 -18.64
C GLU G 151 -0.58 -35.85 -19.03
N ALA G 152 -0.85 -34.96 -18.07
CA ALA G 152 -1.59 -33.74 -18.41
C ALA G 152 -0.84 -32.94 -19.47
N PHE G 153 0.49 -32.92 -19.40
CA PHE G 153 1.29 -32.17 -20.37
C PHE G 153 1.14 -32.78 -21.76
N GLU G 154 1.21 -34.10 -21.87
CA GLU G 154 1.10 -34.74 -23.17
C GLU G 154 -0.29 -34.54 -23.76
N ILE G 155 -1.34 -34.68 -22.96
CA ILE G 155 -2.70 -34.45 -23.45
C ILE G 155 -2.84 -33.00 -23.93
N SER G 156 -2.26 -32.06 -23.20
CA SER G 156 -2.42 -30.64 -23.52
C SER G 156 -1.75 -30.28 -24.84
N LYS G 157 -0.57 -30.84 -25.11
CA LYS G 157 0.10 -30.55 -26.37
C LYS G 157 -0.73 -30.99 -27.57
N LYS G 158 -1.63 -31.94 -27.37
CA LYS G 158 -2.44 -32.48 -28.45
C LYS G 158 -3.82 -31.84 -28.53
N GLU G 159 -4.25 -31.15 -27.47
CA GLU G 159 -5.61 -30.62 -27.43
C GLU G 159 -5.72 -29.13 -27.17
N MET G 160 -4.65 -28.46 -26.76
CA MET G 160 -4.72 -27.06 -26.37
C MET G 160 -3.75 -26.23 -27.21
N GLN G 161 -4.11 -24.97 -27.39
CA GLN G 161 -3.18 -24.02 -27.98
C GLN G 161 -2.12 -23.66 -26.96
N PRO G 162 -0.93 -23.23 -27.41
CA PRO G 162 0.13 -22.87 -26.44
C PRO G 162 -0.24 -21.71 -25.53
N THR G 163 -1.27 -20.92 -25.86
CA THR G 163 -1.71 -19.81 -25.04
C THR G 163 -2.89 -20.16 -24.15
N HIS G 164 -3.36 -21.40 -24.20
CA HIS G 164 -4.46 -21.84 -23.35
C HIS G 164 -4.06 -21.70 -21.89
N PRO G 165 -4.88 -21.06 -21.05
CA PRO G 165 -4.47 -20.83 -19.66
C PRO G 165 -4.26 -22.10 -18.88
N ILE G 166 -5.06 -23.14 -19.13
CA ILE G 166 -4.86 -24.40 -18.41
C ILE G 166 -3.52 -25.01 -18.80
N ARG G 167 -3.18 -24.96 -20.09
CA ARG G 167 -1.90 -25.48 -20.56
C ARG G 167 -0.74 -24.66 -20.00
N LEU G 168 -0.88 -23.33 -20.01
CA LEU G 168 0.20 -22.48 -19.49
C LEU G 168 0.40 -22.69 -17.99
N GLY G 169 -0.70 -22.70 -17.22
CA GLY G 169 -0.58 -22.94 -15.78
C GLY G 169 -0.03 -24.31 -15.44
N LEU G 170 -0.29 -25.30 -16.29
CA LEU G 170 0.34 -26.60 -16.12
C LEU G 170 1.85 -26.49 -16.29
N ALA G 171 2.29 -25.76 -17.31
CA ALA G 171 3.72 -25.55 -17.53
C ALA G 171 4.34 -24.78 -16.38
N LEU G 172 3.58 -23.82 -15.82
CA LEU G 172 4.10 -23.05 -14.69
C LEU G 172 4.39 -23.95 -13.51
N ASN G 173 3.44 -24.81 -13.15
CA ASN G 173 3.60 -25.66 -11.97
C ASN G 173 4.58 -26.79 -12.22
N PHE G 174 4.57 -27.36 -13.44
CA PHE G 174 5.50 -28.44 -13.76
C PHE G 174 6.94 -27.95 -13.68
N SER G 175 7.21 -26.73 -14.15
CA SER G 175 8.54 -26.15 -14.01
C SER G 175 8.88 -25.92 -12.55
N VAL G 176 7.91 -25.47 -11.75
CA VAL G 176 8.10 -25.35 -10.31
C VAL G 176 8.36 -26.72 -9.70
N PHE G 177 7.73 -27.76 -10.23
CA PHE G 177 8.00 -29.10 -9.73
C PHE G 177 9.45 -29.49 -9.95
N TYR G 178 10.00 -29.16 -11.11
CA TYR G 178 11.41 -29.50 -11.35
C TYR G 178 12.32 -28.66 -10.47
N TYR G 179 11.97 -27.39 -10.24
CA TYR G 179 12.84 -26.51 -9.47
C TYR G 179 12.84 -26.86 -7.99
N GLU G 180 11.65 -26.96 -7.39
CA GLU G 180 11.54 -27.04 -5.93
C GLU G 180 11.56 -28.46 -5.40
N ILE G 181 10.99 -29.41 -6.14
CA ILE G 181 10.90 -30.79 -5.66
C ILE G 181 12.10 -31.62 -6.15
N LEU G 182 12.39 -31.60 -7.45
CA LEU G 182 13.49 -32.37 -8.01
C LEU G 182 14.84 -31.64 -8.00
N ASN G 183 14.92 -30.44 -7.42
CA ASN G 183 16.15 -29.65 -7.36
C ASN G 183 16.89 -29.62 -8.69
N SER G 184 16.15 -29.29 -9.75
CA SER G 184 16.68 -29.26 -11.12
C SER G 184 16.39 -27.89 -11.70
N PRO G 185 17.21 -26.89 -11.37
CA PRO G 185 16.94 -25.54 -11.89
C PRO G 185 17.12 -25.41 -13.39
N GLU G 186 17.98 -26.22 -14.00
CA GLU G 186 18.19 -26.09 -15.45
C GLU G 186 16.98 -26.57 -16.22
N LYS G 187 16.38 -27.69 -15.79
CA LYS G 187 15.15 -28.17 -16.42
C LYS G 187 13.99 -27.22 -16.14
N ALA G 188 13.86 -26.77 -14.89
CA ALA G 188 12.82 -25.82 -14.53
C ALA G 188 12.85 -24.61 -15.45
N CYS G 189 14.02 -24.02 -15.66
CA CYS G 189 14.12 -22.88 -16.55
C CYS G 189 13.87 -23.26 -18.00
N SER G 190 14.32 -24.44 -18.39
CA SER G 190 14.13 -24.92 -19.75
C SER G 190 12.65 -25.13 -20.06
N LEU G 191 11.94 -25.84 -19.17
CA LEU G 191 10.52 -26.10 -19.39
C LEU G 191 9.75 -24.79 -19.50
N ALA G 192 10.00 -23.87 -18.57
CA ALA G 192 9.29 -22.60 -18.58
C ALA G 192 9.65 -21.77 -19.80
N LYS G 193 10.92 -21.78 -20.21
CA LYS G 193 11.29 -20.96 -21.36
C LYS G 193 10.63 -21.48 -22.64
N THR G 194 10.61 -22.80 -22.83
CA THR G 194 9.96 -23.38 -24.01
C THR G 194 8.48 -23.03 -24.03
N ALA G 195 7.81 -23.10 -22.87
CA ALA G 195 6.38 -22.82 -22.81
C ALA G 195 6.07 -21.37 -23.15
N PHE G 196 6.88 -20.44 -22.63
CA PHE G 196 6.69 -19.02 -22.96
C PHE G 196 6.87 -18.79 -24.44
N ASP G 197 7.98 -19.31 -25.01
CA ASP G 197 8.30 -19.07 -26.41
C ASP G 197 7.25 -19.63 -27.35
N GLU G 198 6.63 -20.76 -27.00
CA GLU G 198 5.56 -21.30 -27.82
C GLU G 198 4.32 -20.40 -27.75
N ALA G 199 4.00 -19.90 -26.56
CA ALA G 199 2.86 -19.01 -26.41
C ALA G 199 3.05 -17.72 -27.19
N ILE G 200 4.27 -17.16 -27.15
CA ILE G 200 4.54 -15.93 -27.89
C ILE G 200 4.51 -16.17 -29.39
N ALA G 201 5.04 -17.32 -29.84
CA ALA G 201 5.00 -17.66 -31.26
C ALA G 201 3.58 -17.86 -31.79
N GLU G 202 2.59 -17.94 -30.91
CA GLU G 202 1.22 -18.26 -31.30
C GLU G 202 0.24 -17.28 -30.67
N LEU G 203 0.63 -16.01 -30.59
CA LEU G 203 -0.20 -15.02 -29.92
C LEU G 203 -1.58 -14.86 -30.58
N ASP G 204 -1.72 -15.26 -31.84
CA ASP G 204 -3.00 -15.15 -32.53
C ASP G 204 -4.04 -16.14 -32.00
N THR G 205 -3.64 -17.15 -31.24
CA THR G 205 -4.58 -18.12 -30.71
C THR G 205 -5.35 -17.62 -29.49
N LEU G 206 -5.09 -16.42 -28.99
CA LEU G 206 -5.87 -15.83 -27.90
C LEU G 206 -7.31 -15.49 -28.35
N ASN G 207 -8.20 -15.88 -27.43
CA ASN G 207 -9.64 -15.66 -27.62
C ASN G 207 -10.11 -14.72 -26.51
N GLU G 208 -11.34 -14.24 -26.59
CA GLU G 208 -11.80 -13.22 -25.63
C GLU G 208 -11.92 -13.77 -24.21
N GLU G 209 -12.37 -15.00 -24.04
CA GLU G 209 -12.68 -15.51 -22.69
C GLU G 209 -11.46 -15.67 -21.78
N SER G 210 -10.27 -15.77 -22.32
CA SER G 210 -9.12 -16.09 -21.48
C SER G 210 -7.84 -15.35 -21.86
N TYR G 211 -7.88 -14.30 -22.71
CA TYR G 211 -6.63 -13.61 -23.05
C TYR G 211 -6.03 -12.92 -21.83
N LYS G 212 -6.86 -12.34 -20.96
CA LYS G 212 -6.35 -11.73 -19.75
C LYS G 212 -5.66 -12.77 -18.86
N ASP G 213 -6.24 -13.97 -18.77
CA ASP G 213 -5.61 -15.04 -18.01
C ASP G 213 -4.37 -15.57 -18.74
N SER G 214 -4.47 -15.75 -20.06
CA SER G 214 -3.34 -16.24 -20.84
C SER G 214 -2.11 -15.36 -20.64
N THR G 215 -2.27 -14.04 -20.78
CA THR G 215 -1.12 -13.15 -20.67
C THR G 215 -0.56 -13.13 -19.26
N LEU G 216 -1.43 -13.22 -18.25
CA LEU G 216 -0.94 -13.17 -16.87
C LEU G 216 -0.01 -14.35 -16.58
N ILE G 217 -0.40 -15.56 -17.00
CA ILE G 217 0.45 -16.72 -16.77
C ILE G 217 1.73 -16.63 -17.61
N MET G 218 1.65 -16.09 -18.81
CA MET G 218 2.90 -15.81 -19.53
C MET G 218 3.80 -14.90 -18.74
N GLN G 219 3.24 -13.87 -18.10
CA GLN G 219 4.08 -13.01 -17.28
C GLN G 219 4.60 -13.76 -16.06
N LEU G 220 3.79 -14.66 -15.50
CA LEU G 220 4.23 -15.41 -14.32
C LEU G 220 5.36 -16.38 -14.68
N LEU G 221 5.24 -17.04 -15.83
CA LEU G 221 6.35 -17.85 -16.33
C LEU G 221 7.62 -17.03 -16.46
N ARG G 222 7.50 -15.80 -16.98
CA ARG G 222 8.66 -14.92 -17.11
C ARG G 222 9.21 -14.49 -15.75
N ASP G 223 8.33 -14.14 -14.81
CA ASP G 223 8.79 -13.77 -13.47
C ASP G 223 9.59 -14.89 -12.81
N ASN G 224 9.06 -16.11 -12.85
CA ASN G 224 9.76 -17.27 -12.29
C ASN G 224 11.12 -17.45 -12.94
N LEU G 225 11.19 -17.24 -14.26
CA LEU G 225 12.45 -17.37 -14.98
C LEU G 225 13.45 -16.33 -14.50
N THR G 226 13.00 -15.10 -14.29
CA THR G 226 13.89 -14.07 -13.77
C THR G 226 14.33 -14.39 -12.35
N LEU G 227 13.39 -14.81 -11.50
CA LEU G 227 13.73 -15.15 -10.13
C LEU G 227 14.77 -16.26 -10.08
N TRP G 228 14.68 -17.22 -11.01
CA TRP G 228 15.55 -18.37 -11.02
C TRP G 228 16.85 -18.13 -11.77
N THR G 229 17.01 -16.96 -12.39
CA THR G 229 18.26 -16.60 -13.05
C THR G 229 18.82 -15.29 -12.49
N ARG H 1 -3.83 -7.77 -10.34
CA ARG H 1 -2.98 -8.52 -11.26
C ARG H 1 -1.51 -8.40 -10.89
N ASP H 2 -1.05 -7.17 -10.64
CA ASP H 2 0.28 -7.00 -10.09
C ASP H 2 0.36 -7.53 -8.66
N LYS H 3 -0.77 -7.57 -7.97
CA LYS H 3 -0.81 -8.24 -6.68
C LYS H 3 -0.52 -9.73 -6.85
N ILE H 4 -1.11 -10.35 -7.88
CA ILE H 4 -0.90 -11.77 -8.12
C ILE H 4 0.56 -12.04 -8.45
N ARG H 5 1.16 -11.20 -9.30
CA ARG H 5 2.57 -11.39 -9.64
C ARG H 5 3.47 -11.17 -8.44
N LEU H 6 3.12 -10.20 -7.59
CA LEU H 6 3.91 -10.00 -6.38
C LEU H 6 3.77 -11.19 -5.43
N ASN H 7 2.57 -11.72 -5.28
CA ASN H 7 2.38 -12.89 -4.42
C ASN H 7 3.14 -14.10 -4.94
N ASN H 8 3.02 -14.40 -6.24
CA ASN H 8 3.75 -15.53 -6.78
C ASN H 8 5.25 -15.30 -6.63
N ALA H 9 5.70 -14.06 -6.75
CA ALA H 9 7.15 -13.84 -6.68
C ALA H 9 7.66 -14.15 -5.27
N ILE H 10 6.87 -13.81 -4.27
CA ILE H 10 7.33 -13.99 -2.86
C ILE H 10 7.25 -15.47 -2.52
N TRP H 11 6.18 -16.12 -2.94
CA TRP H 11 6.04 -17.55 -2.54
C TRP H 11 7.17 -18.32 -3.21
N ARG H 12 7.49 -17.97 -4.45
CA ARG H 12 8.62 -18.68 -5.07
C ARG H 12 9.96 -18.27 -4.48
N ALA H 13 10.06 -17.05 -3.95
CA ALA H 13 11.33 -16.58 -3.42
C ALA H 13 11.68 -17.30 -2.12
N TRP H 14 10.68 -17.66 -1.32
CA TRP H 14 10.94 -18.31 -0.04
C TRP H 14 11.78 -19.57 -0.21
N TYR H 15 11.49 -20.35 -1.25
CA TYR H 15 12.24 -21.59 -1.43
C TYR H 15 13.71 -21.33 -1.74
N ILE H 16 14.00 -20.26 -2.50
CA ILE H 16 15.36 -20.05 -2.99
C ILE H 16 16.37 -19.84 -1.85
N GLN H 17 16.01 -19.07 -0.81
CA GLN H 17 16.93 -18.88 0.30
C GLN H 17 16.83 -19.95 1.37
N TYR H 18 15.62 -20.48 1.61
CA TYR H 18 15.47 -21.51 2.64
C TYR H 18 16.30 -22.74 2.31
N VAL H 19 16.53 -22.98 1.02
CA VAL H 19 17.34 -24.10 0.58
C VAL H 19 18.82 -23.73 0.50
N GLN H 20 19.14 -22.48 0.18
CA GLN H 20 20.54 -22.03 0.11
C GLN H 20 21.24 -22.07 1.48
P AMP I . -5.30 12.58 -20.20
O1P AMP I . -6.23 13.63 -19.61
O2P AMP I . -4.92 12.79 -21.66
O3P AMP I . -5.64 11.19 -19.74
O5' AMP I . -3.93 12.81 -19.46
C5' AMP I . -3.80 12.40 -18.12
C4' AMP I . -2.56 11.57 -17.92
O4' AMP I . -1.48 12.38 -17.38
C3' AMP I . -2.70 10.34 -17.01
O3' AMP I . -1.94 9.27 -17.55
C2' AMP I . -2.06 10.81 -15.71
O2' AMP I . -1.54 9.77 -14.90
C1' AMP I . -0.99 11.79 -16.20
N9 AMP I . -0.70 12.88 -15.26
C8 AMP I . -1.59 13.75 -14.76
N7 AMP I . -1.00 14.63 -13.89
C5 AMP I . 0.31 14.28 -13.84
C6 AMP I . 1.49 14.77 -13.12
N6 AMP I . 1.39 15.82 -12.28
N1 AMP I . 2.68 14.14 -13.32
C2 AMP I . 2.76 13.08 -14.17
N3 AMP I . 1.73 12.58 -14.86
C4 AMP I . 0.49 13.12 -14.72
P AMP J . -14.03 -4.42 19.38
O1P AMP J . -15.38 -4.86 18.85
O2P AMP J . -13.80 -4.66 20.85
O3P AMP J . -13.62 -3.07 18.83
O5' AMP J . -13.04 -5.46 18.71
C5' AMP J . -12.72 -5.43 17.34
C4' AMP J . -11.26 -5.72 17.13
O4' AMP J . -11.10 -7.10 16.79
C3' AMP J . -10.60 -4.94 15.99
O3' AMP J . -9.99 -3.72 16.39
C2' AMP J . -9.68 -5.92 15.28
O2' AMP J . -8.33 -5.69 15.67
C1' AMP J . -10.08 -7.28 15.84
N9 AMP J . -10.58 -8.13 14.75
C8 AMP J . -11.73 -7.90 14.11
N7 AMP J . -11.94 -8.83 13.15
C5 AMP J . -10.89 -9.67 13.17
C6 AMP J . -10.48 -10.87 12.41
N6 AMP J . -11.26 -11.35 11.41
N1 AMP J . -9.32 -11.46 12.76
C2 AMP J . -8.54 -10.97 13.76
N3 AMP J . -8.85 -9.89 14.50
C4 AMP J . -10.00 -9.21 14.25
P AMP K . 17.29 15.07 6.54
O1P AMP K . 18.08 14.96 5.26
O2P AMP K . 17.73 16.24 7.41
O3P AMP K . 17.08 13.74 7.24
O5' AMP K . 15.91 15.61 5.97
C5' AMP K . 15.40 15.09 4.77
C4' AMP K . 13.89 15.11 4.74
O4' AMP K . 13.50 15.82 3.55
C3' AMP K . 13.26 13.72 4.63
O3' AMP K . 12.82 13.21 5.88
C2' AMP K . 12.14 13.86 3.59
O2' AMP K . 10.88 13.89 4.22
C1' AMP K . 12.39 15.22 2.94
N9 AMP K . 12.65 15.07 1.50
C8 AMP K . 13.69 14.41 0.98
N7 AMP K . 13.66 14.39 -0.37
C5 AMP K . 12.55 15.06 -0.75
C6 AMP K . 11.92 15.41 -2.04
N6 AMP K . 12.48 15.03 -3.20
N1 AMP K . 10.75 16.11 -2.00
C2 AMP K . 10.19 16.49 -0.84
N3 AMP K . 10.71 16.19 0.37
C4 AMP K . 11.88 15.49 0.49
P AMP L . 2.21 -23.09 -6.01
O1P AMP L . 1.53 -24.32 -6.57
O2P AMP L . 2.61 -22.07 -7.05
O3P AMP L . 3.28 -23.32 -4.95
O5' AMP L . 0.98 -22.43 -5.26
C5' AMP L . 1.13 -21.47 -4.24
C4' AMP L . 0.04 -20.45 -4.38
O4' AMP L . -0.92 -20.69 -3.34
C3' AMP L . 0.47 -19.00 -4.25
O3' AMP L . 0.79 -18.37 -5.47
C2' AMP L . -0.65 -18.31 -3.46
O2' AMP L . -1.50 -17.60 -4.34
C1' AMP L . -1.47 -19.48 -2.89
N9 AMP L . -1.45 -19.47 -1.42
C8 AMP L . -0.34 -19.62 -0.69
N7 AMP L . -0.61 -19.54 0.64
C5 AMP L . -1.94 -19.33 0.76
C6 AMP L . -2.88 -19.17 1.90
N6 AMP L . -2.45 -19.21 3.17
N1 AMP L . -4.19 -18.99 1.59
C2 AMP L . -4.63 -18.95 0.31
N3 AMP L . -3.83 -19.09 -0.77
C4 AMP L . -2.49 -19.28 -0.60
#